data_5XP8
#
_entry.id   5XP8
#
_cell.length_a   202.140
_cell.length_b   202.140
_cell.length_c   202.140
_cell.angle_alpha   90.00
_cell.angle_beta   90.00
_cell.angle_gamma   90.00
#
_symmetry.space_group_name_H-M   'P 41 3 2'
#
loop_
_entity.id
_entity.type
_entity.pdbx_description
1 polymer TtAgo
2 polymer "DNA (5'-D(P*TP*GP*AP*GP*AP*GP*TP*AP*GP*TP*AP*GP*GP*TP*TP*GP*T)-3')"
3 polymer "DNA (5'-D(*CP*AP*AP*CP*C*AP*TP*AP*CP*TP*AP*CP*CP*TP*CP*G)-3')"
4 polymer "DNA (5'-D(*AP*GP*T)-3')"
5 non-polymer 'MAGNESIUM ION'
#
loop_
_entity_poly.entity_id
_entity_poly.type
_entity_poly.pdbx_seq_one_letter_code
_entity_poly.pdbx_strand_id
1 'polypeptide(L)'
;MNHLGKTEVFLNRFALRPLNPEELRPWRLEVVLDPPPGREEVYPLLAQVARRAGGVTVRMGDGLASWSPPEVLVLEGTLA
RMGQTYAYRLYPKGRRPLDPKDPGERSVLSALARRLLQERLRRLEGVWVEGLAVYRREHARGPGWRVLGGAVLDLWVSDS
GAFLLEVDPAYRILCEMSLEAWLAQGHPLPKRVRNAYDRRTWELLRLGEEDPKELPLPGGLSLLDYHASKGRLQGREGGR
VAWVADPKDPRKPIPHLTGLLVPVLTLEDLHEEEGSLALSLPWEERRRRTREIASWIGRRLGLGTPEAVRAQAYRLSIPK
LMGRRAVSKPADALRVGFYRAQETALALLRLDGAQGWPEFLRRALLRAFGASGASLRLHTLHAHPSQGLAFREALRKAKE
EGVQAVLVLTPPMAWEDRNRLKALLLREGLPSQILNVPLREEERHRWENALLGLLAKAGLQVVALSGAYPAELAVGFDAG
GRESFRFGGAACAVGGDGGHLLWTLPEAQAGERIPQEVVWDLLEETLWAFRRKAGRLPSRVLLLRDGRVPQDEFALALEA
LAREGIAYDLVSVRKSGGGRVYPVQGRLADGLYVPLEDKTFLLLTVHRDFRGTPRPLKLVHEAGDTPLEALAHQIFHLTR
LYPASGFAFPRLPAPLHLADRLVKEVGRLGIRHLKEVDREKLFFV
;
A
2 'polydeoxyribonucleotide'
;(DT)(DG)(DA)(DG)(DA)(DG)(DT)(DA)(DG)(DT)(DA)(DG)(DG)(DT)(DT)(DG)(DT)(DA)(DT)(DA)
(DG)(DT)
;
E
3 'polydeoxyribonucleotide' (DT)(DA)(DT)(DA)(DC)(DA)(DA)(DC)(DC)(DT)(DA)(DC)(DT)(DA)(DC)(DC)(DT)(DC)(DG) F
4 'polydeoxyribonucleotide' (DA)(DG)(DT) C
#
# COMPACT_ATOMS: atom_id res chain seq x y z
N ASN A 2 -22.69 24.01 6.41
CA ASN A 2 -21.58 24.58 7.17
C ASN A 2 -20.81 25.61 6.34
N HIS A 3 -19.55 25.81 6.69
CA HIS A 3 -18.63 26.65 5.91
C HIS A 3 -18.42 26.10 4.49
N LEU A 4 -18.71 24.80 4.33
CA LEU A 4 -18.35 24.03 3.15
C LEU A 4 -19.58 23.45 2.46
N GLY A 5 -19.48 23.30 1.13
CA GLY A 5 -20.64 23.06 0.30
C GLY A 5 -21.04 21.62 0.04
N LYS A 6 -22.27 21.29 0.45
CA LYS A 6 -22.89 19.96 0.33
C LYS A 6 -23.23 19.48 -1.10
N THR A 7 -23.28 18.16 -1.24
CA THR A 7 -23.61 17.43 -2.46
C THR A 7 -23.96 16.00 -1.99
N GLU A 8 -24.32 15.10 -2.90
CA GLU A 8 -24.71 13.75 -2.49
C GLU A 8 -23.99 12.75 -3.30
N VAL A 9 -23.66 11.63 -2.66
CA VAL A 9 -22.93 10.57 -3.31
C VAL A 9 -23.51 9.19 -3.05
N PHE A 10 -23.20 8.26 -3.96
CA PHE A 10 -23.38 6.81 -3.80
C PHE A 10 -22.13 6.16 -3.26
N LEU A 11 -22.31 5.17 -2.39
CA LEU A 11 -21.22 4.26 -2.04
C LEU A 11 -21.32 2.97 -2.88
N ASN A 12 -20.26 2.18 -2.94
CA ASN A 12 -20.38 0.89 -3.60
C ASN A 12 -20.96 -0.12 -2.62
N ARG A 13 -22.01 0.28 -1.89
CA ARG A 13 -22.71 -0.62 -0.97
C ARG A 13 -24.18 -0.63 -1.33
N PHE A 14 -24.82 -1.76 -1.03
CA PHE A 14 -26.19 -2.01 -1.42
C PHE A 14 -26.98 -2.71 -0.33
N ALA A 15 -28.11 -2.12 0.05
CA ALA A 15 -29.02 -2.74 1.03
C ALA A 15 -29.90 -3.84 0.45
N LEU A 16 -29.89 -5.00 1.12
CA LEU A 16 -30.74 -6.11 0.74
C LEU A 16 -31.75 -6.41 1.82
N ARG A 17 -32.37 -7.58 1.77
CA ARG A 17 -33.34 -7.98 2.79
C ARG A 17 -32.90 -7.70 4.22
N PRO A 18 -33.88 -7.51 5.10
CA PRO A 18 -33.62 -7.63 6.53
C PRO A 18 -33.55 -9.10 6.91
N LEU A 19 -32.80 -9.42 7.95
CA LEU A 19 -32.59 -10.81 8.29
C LEU A 19 -33.83 -11.38 8.95
N ASN A 20 -34.35 -12.47 8.40
CA ASN A 20 -35.50 -13.17 8.97
C ASN A 20 -35.09 -13.89 10.28
N PRO A 21 -36.03 -14.59 10.96
CA PRO A 21 -35.58 -15.11 12.26
C PRO A 21 -34.73 -16.38 12.21
N GLU A 22 -34.91 -17.25 11.22
CA GLU A 22 -34.04 -18.43 11.10
C GLU A 22 -32.60 -17.99 10.93
N GLU A 23 -32.39 -16.89 10.20
CA GLU A 23 -31.04 -16.40 10.00
C GLU A 23 -30.52 -15.73 11.28
N LEU A 24 -31.45 -15.27 12.14
CA LEU A 24 -31.11 -14.68 13.43
C LEU A 24 -30.98 -15.67 14.57
N ARG A 25 -31.46 -16.90 14.36
CA ARG A 25 -31.33 -17.96 15.37
C ARG A 25 -30.59 -19.16 14.76
N PRO A 26 -29.26 -19.01 14.59
CA PRO A 26 -28.38 -20.03 14.03
C PRO A 26 -28.17 -21.14 15.04
N TRP A 27 -27.69 -22.27 14.54
CA TRP A 27 -27.38 -23.39 15.38
C TRP A 27 -26.09 -23.04 16.12
N ARG A 28 -26.03 -23.35 17.41
CA ARG A 28 -24.80 -23.20 18.21
C ARG A 28 -24.23 -24.57 18.49
N LEU A 29 -22.90 -24.67 18.53
CA LEU A 29 -22.24 -25.94 18.82
C LEU A 29 -21.07 -25.79 19.80
N GLU A 30 -20.92 -26.75 20.71
CA GLU A 30 -19.73 -26.78 21.54
C GLU A 30 -18.72 -27.70 20.85
N VAL A 31 -17.45 -27.30 20.90
CA VAL A 31 -16.39 -28.05 20.27
C VAL A 31 -15.59 -28.76 21.34
N VAL A 32 -15.40 -30.07 21.17
CA VAL A 32 -14.54 -30.80 22.07
C VAL A 32 -13.34 -31.37 21.34
N LEU A 33 -12.18 -30.84 21.71
CA LEU A 33 -10.93 -31.26 21.14
C LEU A 33 -10.25 -32.26 22.05
N ASP A 34 -9.65 -33.27 21.43
CA ASP A 34 -8.96 -34.31 22.15
C ASP A 34 -7.65 -34.58 21.44
N PRO A 35 -6.53 -34.20 22.07
CA PRO A 35 -6.37 -33.54 23.38
C PRO A 35 -6.74 -32.07 23.35
N PRO A 36 -6.96 -31.45 24.53
CA PRO A 36 -7.21 -29.99 24.60
C PRO A 36 -6.03 -29.16 24.10
N PRO A 37 -6.32 -28.10 23.34
CA PRO A 37 -5.37 -27.19 22.69
C PRO A 37 -4.75 -26.18 23.67
N GLY A 38 -3.61 -25.57 23.29
CA GLY A 38 -3.02 -24.55 24.13
C GLY A 38 -3.78 -23.25 23.91
N ARG A 39 -3.45 -22.21 24.66
CA ARG A 39 -4.20 -20.95 24.61
C ARG A 39 -4.17 -20.19 23.27
N GLU A 40 -3.03 -20.26 22.58
CA GLU A 40 -2.89 -19.54 21.33
C GLU A 40 -3.46 -20.31 20.16
N GLU A 41 -3.51 -21.63 20.30
CA GLU A 41 -3.93 -22.51 19.22
C GLU A 41 -5.43 -22.85 19.24
N VAL A 42 -6.08 -22.61 20.37
CA VAL A 42 -7.48 -22.98 20.55
C VAL A 42 -8.31 -22.22 19.51
N TYR A 43 -8.10 -20.91 19.50
CA TYR A 43 -8.86 -19.96 18.69
C TYR A 43 -8.79 -20.25 17.17
N PRO A 44 -7.59 -20.48 16.59
CA PRO A 44 -7.52 -20.87 15.18
C PRO A 44 -7.96 -22.30 14.84
N LEU A 45 -7.90 -23.18 15.83
CA LEU A 45 -8.25 -24.59 15.62
C LEU A 45 -9.75 -24.76 15.43
N LEU A 46 -10.50 -23.88 16.06
CA LEU A 46 -11.94 -23.83 15.89
C LEU A 46 -12.25 -23.47 14.45
N ALA A 47 -11.45 -22.57 13.89
CA ALA A 47 -11.61 -22.18 12.50
C ALA A 47 -11.33 -23.42 11.67
N GLN A 48 -10.34 -24.18 12.10
CA GLN A 48 -9.98 -25.39 11.39
C GLN A 48 -11.12 -26.41 11.52
N VAL A 49 -11.70 -26.53 12.72
CA VAL A 49 -12.85 -27.42 12.92
C VAL A 49 -14.02 -26.99 12.05
N ALA A 50 -14.18 -25.68 11.83
CA ALA A 50 -15.26 -25.15 11.01
C ALA A 50 -15.24 -25.58 9.54
N ARG A 51 -14.07 -25.49 8.90
CA ARG A 51 -13.99 -25.96 7.52
C ARG A 51 -14.20 -27.45 7.47
N ARG A 52 -13.54 -28.18 8.37
CA ARG A 52 -13.68 -29.63 8.42
C ARG A 52 -15.12 -30.02 8.77
N ALA A 53 -15.82 -29.15 9.50
CA ALA A 53 -17.22 -29.39 9.85
C ALA A 53 -18.11 -29.41 8.64
N GLY A 54 -17.69 -28.70 7.59
CA GLY A 54 -18.45 -28.63 6.37
C GLY A 54 -19.57 -27.62 6.50
N GLY A 55 -20.54 -27.74 5.60
CA GLY A 55 -21.66 -26.82 5.53
C GLY A 55 -21.36 -25.34 5.52
N VAL A 56 -22.19 -24.60 6.25
CA VAL A 56 -22.02 -23.17 6.36
C VAL A 56 -21.87 -22.85 7.83
N THR A 57 -20.62 -22.88 8.28
CA THR A 57 -20.31 -22.77 9.69
C THR A 57 -19.15 -21.81 9.87
N VAL A 58 -19.16 -21.13 11.00
CA VAL A 58 -18.18 -20.10 11.32
C VAL A 58 -17.80 -20.24 12.78
N ARG A 59 -16.69 -19.61 13.19
CA ARG A 59 -16.28 -19.64 14.57
C ARG A 59 -17.26 -18.81 15.42
N MET A 60 -17.57 -19.30 16.62
CA MET A 60 -18.34 -18.54 17.61
C MET A 60 -17.92 -18.71 19.05
N GLY A 61 -17.32 -17.68 19.64
CA GLY A 61 -16.86 -17.81 21.00
C GLY A 61 -15.81 -18.91 21.11
N ASP A 62 -16.02 -19.77 22.11
CA ASP A 62 -15.19 -20.96 22.30
C ASP A 62 -15.81 -22.16 21.58
N GLY A 63 -16.75 -21.86 20.67
CA GLY A 63 -17.52 -22.86 19.93
C GLY A 63 -17.79 -22.55 18.47
N LEU A 64 -18.94 -22.98 17.96
CA LEU A 64 -19.24 -22.87 16.52
C LEU A 64 -20.65 -22.27 16.29
N ALA A 65 -20.82 -21.52 15.20
CA ALA A 65 -22.15 -21.09 14.74
C ALA A 65 -22.45 -21.60 13.33
N SER A 66 -23.66 -22.09 13.11
CA SER A 66 -23.97 -22.63 11.79
C SER A 66 -25.33 -22.17 11.26
N TRP A 67 -25.35 -21.93 9.95
CA TRP A 67 -26.59 -21.78 9.22
C TRP A 67 -26.94 -23.07 8.52
N SER A 68 -26.24 -24.14 8.88
CA SER A 68 -26.65 -25.46 8.43
C SER A 68 -27.08 -26.26 9.64
N PRO A 69 -28.14 -27.05 9.47
CA PRO A 69 -28.54 -27.98 10.51
C PRO A 69 -27.46 -29.03 10.68
N PRO A 70 -27.32 -29.54 11.91
CA PRO A 70 -26.32 -30.53 12.32
C PRO A 70 -26.26 -31.83 11.47
N GLU A 71 -27.38 -32.25 10.92
CA GLU A 71 -27.45 -33.53 10.20
C GLU A 71 -26.54 -33.65 8.99
N VAL A 72 -26.19 -32.50 8.40
CA VAL A 72 -25.27 -32.46 7.28
C VAL A 72 -23.91 -31.86 7.67
N LEU A 73 -23.53 -31.98 8.93
CA LEU A 73 -22.18 -31.61 9.32
C LEU A 73 -21.42 -32.88 9.66
N VAL A 74 -20.10 -32.83 9.51
CA VAL A 74 -19.22 -33.90 9.97
C VAL A 74 -18.84 -33.70 11.45
N LEU A 75 -19.64 -34.27 12.34
CA LEU A 75 -19.50 -34.06 13.77
C LEU A 75 -18.30 -34.77 14.39
N GLU A 76 -17.89 -35.91 13.82
CA GLU A 76 -16.68 -36.56 14.31
C GLU A 76 -15.57 -36.55 13.28
N GLY A 77 -14.37 -36.21 13.73
CA GLY A 77 -13.25 -36.24 12.80
C GLY A 77 -11.91 -35.97 13.43
N THR A 78 -10.89 -35.86 12.58
CA THR A 78 -9.56 -35.47 13.02
C THR A 78 -9.03 -34.30 12.20
N LEU A 79 -8.05 -33.62 12.75
CA LEU A 79 -7.50 -32.40 12.15
C LEU A 79 -6.04 -32.32 12.64
N ALA A 80 -5.11 -32.41 11.71
CA ALA A 80 -3.68 -32.30 12.03
C ALA A 80 -3.23 -30.88 11.82
N ARG A 81 -2.58 -30.29 12.83
CA ARG A 81 -2.17 -28.89 12.73
C ARG A 81 -0.75 -28.71 13.23
N MET A 82 -0.54 -28.40 14.51
CA MET A 82 0.82 -28.16 14.97
C MET A 82 1.58 -29.47 15.19
N GLY A 83 1.51 -30.37 14.21
CA GLY A 83 2.19 -31.66 14.27
C GLY A 83 1.64 -32.42 15.45
N GLN A 84 0.32 -32.38 15.58
CA GLN A 84 -0.39 -33.12 16.58
C GLN A 84 -1.75 -33.32 15.96
N THR A 85 -2.25 -34.53 16.06
CA THR A 85 -3.53 -34.84 15.46
C THR A 85 -4.57 -34.77 16.57
N TYR A 86 -5.50 -33.84 16.41
CA TYR A 86 -6.57 -33.69 17.38
C TYR A 86 -7.80 -34.37 16.81
N ALA A 87 -8.54 -35.03 17.67
CA ALA A 87 -9.82 -35.57 17.29
C ALA A 87 -10.81 -34.57 17.78
N TYR A 88 -11.71 -34.15 16.91
CA TYR A 88 -12.74 -33.23 17.33
C TYR A 88 -14.04 -33.98 17.31
N ARG A 89 -14.88 -33.60 18.27
CA ARG A 89 -16.27 -33.98 18.28
C ARG A 89 -17.08 -32.71 18.47
N LEU A 90 -18.09 -32.55 17.63
CA LEU A 90 -18.99 -31.41 17.74
C LEU A 90 -20.27 -31.82 18.46
N TYR A 91 -20.65 -31.04 19.47
CA TYR A 91 -21.89 -31.30 20.17
C TYR A 91 -22.87 -30.15 19.97
N PRO A 92 -24.00 -30.44 19.30
CA PRO A 92 -25.02 -29.42 19.02
C PRO A 92 -25.77 -28.91 20.25
N LYS A 93 -25.93 -27.60 20.41
CA LYS A 93 -26.63 -27.06 21.59
C LYS A 93 -27.78 -26.12 21.20
N GLY A 94 -28.64 -26.58 20.30
CA GLY A 94 -29.81 -25.81 19.91
C GLY A 94 -29.52 -24.53 19.15
N ARG A 95 -30.58 -23.82 18.76
CA ARG A 95 -30.41 -22.55 18.07
C ARG A 95 -30.39 -21.47 19.16
N ARG A 96 -29.81 -20.31 18.86
CA ARG A 96 -29.94 -19.19 19.81
C ARG A 96 -29.91 -17.83 19.14
N PRO A 97 -30.82 -16.93 19.57
CA PRO A 97 -31.00 -15.63 18.93
C PRO A 97 -29.75 -14.78 19.04
N LEU A 98 -29.40 -14.13 17.94
CA LEU A 98 -28.29 -13.21 17.94
C LEU A 98 -28.83 -11.79 17.78
N ASP A 99 -28.16 -10.80 18.38
CA ASP A 99 -28.65 -9.43 18.32
C ASP A 99 -27.70 -8.56 17.48
N PRO A 100 -28.22 -8.06 16.34
CA PRO A 100 -27.58 -7.22 15.30
C PRO A 100 -27.05 -5.84 15.71
N LYS A 101 -27.50 -5.29 16.84
CA LYS A 101 -27.03 -3.99 17.29
C LYS A 101 -25.68 -4.14 18.00
N ASP A 102 -25.49 -5.30 18.63
CA ASP A 102 -24.23 -5.70 19.24
C ASP A 102 -23.12 -6.09 18.26
N PRO A 103 -22.04 -5.30 18.21
CA PRO A 103 -20.92 -5.45 17.26
C PRO A 103 -20.24 -6.83 17.29
N GLY A 104 -20.26 -7.54 18.41
CA GLY A 104 -19.70 -8.89 18.44
C GLY A 104 -20.51 -9.93 17.66
N GLU A 105 -21.79 -10.01 18.01
CA GLU A 105 -22.75 -10.88 17.31
C GLU A 105 -22.97 -10.39 15.86
N ARG A 106 -22.84 -9.09 15.66
CA ARG A 106 -22.90 -8.50 14.33
C ARG A 106 -21.68 -9.04 13.56
N SER A 107 -20.54 -9.15 14.25
CA SER A 107 -19.35 -9.68 13.59
C SER A 107 -19.59 -11.14 13.18
N VAL A 108 -20.22 -11.92 14.06
CA VAL A 108 -20.59 -13.31 13.70
C VAL A 108 -21.62 -13.47 12.58
N LEU A 109 -22.68 -12.68 12.61
CA LEU A 109 -23.67 -12.69 11.54
C LEU A 109 -23.01 -12.31 10.19
N SER A 110 -22.10 -11.33 10.21
CA SER A 110 -21.40 -10.95 8.99
C SER A 110 -20.51 -12.09 8.48
N ALA A 111 -19.86 -12.79 9.40
CA ALA A 111 -19.08 -13.94 9.01
C ALA A 111 -19.91 -15.05 8.38
N LEU A 112 -21.03 -15.35 9.03
CA LEU A 112 -21.96 -16.34 8.51
C LEU A 112 -22.51 -15.95 7.14
N ALA A 113 -22.75 -14.65 6.94
CA ALA A 113 -23.25 -14.15 5.67
C ALA A 113 -22.21 -14.30 4.59
N ARG A 114 -20.97 -13.90 4.89
CA ARG A 114 -19.89 -14.02 3.93
C ARG A 114 -19.67 -15.51 3.54
N ARG A 115 -19.69 -16.43 4.51
CA ARG A 115 -19.61 -17.87 4.17
C ARG A 115 -20.77 -18.28 3.27
N LEU A 116 -21.98 -17.82 3.61
CA LEU A 116 -23.15 -18.06 2.77
C LEU A 116 -22.88 -17.62 1.34
N LEU A 117 -22.38 -16.40 1.19
CA LEU A 117 -22.09 -15.86 -0.11
C LEU A 117 -21.11 -16.74 -0.88
N GLN A 118 -19.98 -17.09 -0.26
CA GLN A 118 -18.99 -17.91 -0.95
C GLN A 118 -19.64 -19.23 -1.41
N GLU A 119 -20.34 -19.93 -0.51
CA GLU A 119 -20.98 -21.19 -0.89
C GLU A 119 -22.02 -21.00 -2.01
N ARG A 120 -22.75 -19.89 -2.02
CA ARG A 120 -23.73 -19.68 -3.07
C ARG A 120 -23.07 -19.40 -4.41
N LEU A 121 -21.95 -18.70 -4.38
CA LEU A 121 -21.15 -18.49 -5.61
C LEU A 121 -20.49 -19.76 -6.17
N ARG A 122 -20.00 -20.67 -5.31
CA ARG A 122 -19.38 -21.90 -5.79
C ARG A 122 -20.28 -22.71 -6.70
N ARG A 123 -21.60 -22.54 -6.56
CA ARG A 123 -22.53 -23.35 -7.32
C ARG A 123 -23.08 -22.57 -8.50
N LEU A 124 -22.38 -21.51 -8.85
CA LEU A 124 -22.71 -20.76 -10.04
C LEU A 124 -21.93 -21.28 -11.21
N GLU A 125 -22.58 -21.18 -12.36
CA GLU A 125 -21.99 -21.62 -13.60
C GLU A 125 -22.61 -20.88 -14.77
N GLY A 126 -21.81 -20.65 -15.81
CA GLY A 126 -20.39 -20.95 -15.79
C GLY A 126 -19.65 -19.66 -15.57
N VAL A 127 -19.37 -19.34 -14.32
CA VAL A 127 -18.64 -18.13 -14.04
C VAL A 127 -17.43 -18.52 -13.23
N TRP A 128 -16.42 -17.67 -13.21
CA TRP A 128 -15.18 -18.10 -12.58
C TRP A 128 -15.03 -17.53 -11.17
N VAL A 129 -15.10 -18.40 -10.18
CA VAL A 129 -14.99 -17.98 -8.80
C VAL A 129 -13.60 -18.15 -8.15
N GLU A 130 -13.07 -17.08 -7.56
CA GLU A 130 -11.85 -17.08 -6.76
C GLU A 130 -12.10 -16.40 -5.43
N GLY A 131 -12.55 -17.17 -4.46
CA GLY A 131 -12.92 -16.64 -3.16
C GLY A 131 -14.14 -15.73 -3.20
N LEU A 132 -13.93 -14.46 -2.91
CA LEU A 132 -15.03 -13.50 -2.90
C LEU A 132 -15.07 -12.70 -4.20
N ALA A 133 -14.22 -13.05 -5.15
CA ALA A 133 -14.25 -12.40 -6.44
C ALA A 133 -14.85 -13.33 -7.47
N VAL A 134 -15.69 -12.80 -8.35
CA VAL A 134 -16.30 -13.56 -9.43
C VAL A 134 -16.03 -12.89 -10.77
N TYR A 135 -15.75 -13.65 -11.82
CA TYR A 135 -15.54 -13.06 -13.14
C TYR A 135 -16.49 -13.65 -14.19
N ARG A 136 -17.23 -12.77 -14.84
CA ARG A 136 -18.35 -13.07 -15.74
C ARG A 136 -18.18 -12.97 -17.28
N ARG A 137 -17.58 -11.90 -17.77
CA ARG A 137 -17.50 -11.70 -19.22
C ARG A 137 -16.06 -11.37 -19.73
N GLU A 138 -15.83 -11.45 -21.04
CA GLU A 138 -14.49 -11.12 -21.55
C GLU A 138 -14.41 -9.65 -21.97
N HIS A 139 -13.43 -8.96 -21.40
CA HIS A 139 -13.31 -7.51 -21.51
C HIS A 139 -12.35 -7.37 -22.67
N ALA A 140 -11.44 -8.32 -22.74
CA ALA A 140 -10.50 -8.36 -23.86
C ALA A 140 -10.12 -9.78 -24.22
N ARG A 141 -9.42 -9.86 -25.35
CA ARG A 141 -9.03 -11.12 -25.92
C ARG A 141 -8.09 -10.90 -27.08
N GLY A 142 -7.25 -11.89 -27.35
CA GLY A 142 -6.37 -11.86 -28.52
C GLY A 142 -5.78 -13.23 -28.76
N PRO A 143 -4.92 -13.27 -29.76
CA PRO A 143 -4.26 -14.49 -30.17
C PRO A 143 -3.59 -15.15 -28.98
N GLY A 144 -4.38 -16.00 -28.32
CA GLY A 144 -3.91 -16.86 -27.26
C GLY A 144 -4.11 -16.41 -25.82
N TRP A 145 -4.75 -15.27 -25.62
CA TRP A 145 -4.92 -14.79 -24.25
C TRP A 145 -6.23 -14.07 -24.06
N ARG A 146 -6.66 -13.95 -22.81
CA ARG A 146 -7.88 -13.20 -22.55
C ARG A 146 -7.96 -12.62 -21.15
N VAL A 147 -8.71 -11.53 -21.04
CA VAL A 147 -8.91 -10.82 -19.79
C VAL A 147 -10.36 -10.95 -19.37
N LEU A 148 -10.60 -11.63 -18.25
CA LEU A 148 -11.96 -11.71 -17.73
C LEU A 148 -12.27 -10.52 -16.84
N GLY A 149 -13.56 -10.19 -16.76
CA GLY A 149 -14.03 -9.10 -15.94
C GLY A 149 -15.15 -9.49 -15.00
N GLY A 150 -15.14 -8.94 -13.80
CA GLY A 150 -16.17 -9.27 -12.85
C GLY A 150 -16.18 -8.28 -11.71
N ALA A 151 -16.39 -8.78 -10.51
CA ALA A 151 -16.34 -7.92 -9.36
C ALA A 151 -15.84 -8.69 -8.16
N VAL A 152 -15.26 -7.96 -7.23
CA VAL A 152 -15.00 -8.47 -5.92
C VAL A 152 -16.22 -8.15 -5.09
N LEU A 153 -16.66 -9.12 -4.29
CA LEU A 153 -17.89 -8.96 -3.54
C LEU A 153 -17.65 -9.13 -2.05
N ASP A 154 -18.51 -8.53 -1.26
CA ASP A 154 -18.59 -8.77 0.18
C ASP A 154 -20.03 -8.76 0.61
N LEU A 155 -20.31 -9.49 1.68
CA LEU A 155 -21.65 -9.51 2.25
C LEU A 155 -21.48 -9.41 3.74
N TRP A 156 -22.19 -8.48 4.39
CA TRP A 156 -22.19 -8.49 5.85
C TRP A 156 -23.54 -8.06 6.39
N VAL A 157 -23.64 -7.88 7.71
CA VAL A 157 -24.91 -7.52 8.31
C VAL A 157 -24.82 -6.13 8.97
N SER A 158 -25.81 -5.29 8.74
CA SER A 158 -25.80 -3.95 9.33
C SER A 158 -26.19 -3.91 10.80
N ASP A 159 -25.98 -2.74 11.42
CA ASP A 159 -26.28 -2.53 12.83
C ASP A 159 -27.79 -2.58 13.09
N SER A 160 -28.56 -2.41 12.01
CA SER A 160 -30.01 -2.51 12.05
C SER A 160 -30.53 -3.90 11.62
N GLY A 161 -29.63 -4.86 11.44
CA GLY A 161 -29.99 -6.24 11.11
C GLY A 161 -30.52 -6.55 9.71
N ALA A 162 -29.88 -5.99 8.70
CA ALA A 162 -30.16 -6.32 7.31
C ALA A 162 -28.87 -6.64 6.54
N PHE A 163 -28.99 -7.45 5.49
CA PHE A 163 -27.85 -7.75 4.64
C PHE A 163 -27.32 -6.47 3.93
N LEU A 164 -26.00 -6.45 3.72
CA LEU A 164 -25.24 -5.44 2.98
C LEU A 164 -24.24 -5.98 1.98
N LEU A 165 -24.38 -5.57 0.72
CA LEU A 165 -23.53 -6.02 -0.38
C LEU A 165 -22.52 -4.99 -0.84
N GLU A 166 -21.23 -5.34 -0.82
CA GLU A 166 -20.23 -4.47 -1.42
C GLU A 166 -19.81 -5.08 -2.75
N VAL A 167 -19.72 -4.24 -3.79
CA VAL A 167 -19.38 -4.68 -5.14
C VAL A 167 -18.34 -3.77 -5.69
N ASP A 168 -17.25 -4.31 -6.21
CA ASP A 168 -16.31 -3.45 -6.94
C ASP A 168 -15.72 -4.16 -8.15
N PRO A 169 -15.95 -3.61 -9.33
CA PRO A 169 -15.45 -4.30 -10.52
C PRO A 169 -13.96 -4.58 -10.45
N ALA A 170 -13.56 -5.75 -10.94
CA ALA A 170 -12.16 -6.14 -10.93
C ALA A 170 -11.87 -7.02 -12.13
N TYR A 171 -10.61 -7.03 -12.55
CA TYR A 171 -10.22 -7.83 -13.69
C TYR A 171 -9.22 -8.96 -13.40
N ARG A 172 -9.24 -9.98 -14.25
CA ARG A 172 -8.31 -11.12 -14.15
C ARG A 172 -7.63 -11.36 -15.51
N ILE A 173 -6.32 -11.57 -15.48
CA ILE A 173 -5.58 -11.85 -16.71
C ILE A 173 -5.17 -13.32 -16.65
N LEU A 174 -5.52 -14.08 -17.67
CA LEU A 174 -5.12 -15.48 -17.79
C LEU A 174 -4.60 -15.74 -19.19
N CYS A 175 -3.71 -16.72 -19.36
CA CYS A 175 -3.08 -16.93 -20.67
C CYS A 175 -3.32 -18.30 -21.33
N GLU A 176 -3.10 -19.39 -20.60
CA GLU A 176 -3.39 -20.76 -21.10
C GLU A 176 -2.87 -21.05 -22.54
N MET A 177 -1.55 -21.03 -22.69
CA MET A 177 -0.77 -21.07 -23.93
C MET A 177 0.60 -21.61 -23.57
N SER A 178 1.21 -22.45 -24.40
CA SER A 178 2.55 -22.91 -24.05
C SER A 178 3.59 -21.82 -24.27
N LEU A 179 4.75 -21.97 -23.63
CA LEU A 179 5.83 -21.01 -23.84
C LEU A 179 6.28 -21.04 -25.31
N GLU A 180 6.30 -22.25 -25.88
CA GLU A 180 6.76 -22.43 -27.24
C GLU A 180 5.82 -21.73 -28.20
N ALA A 181 4.52 -21.97 -28.07
CA ALA A 181 3.51 -21.32 -28.92
C ALA A 181 3.44 -19.82 -28.72
N TRP A 182 3.71 -19.39 -27.49
CA TRP A 182 3.69 -17.99 -27.16
C TRP A 182 4.80 -17.31 -27.93
N LEU A 183 6.00 -17.87 -27.85
CA LEU A 183 7.12 -17.34 -28.60
C LEU A 183 6.86 -17.55 -30.10
N ALA A 184 6.25 -18.68 -30.45
CA ALA A 184 5.90 -19.01 -31.83
C ALA A 184 4.84 -18.11 -32.43
N GLN A 185 4.59 -16.97 -31.80
CA GLN A 185 3.71 -15.96 -32.39
C GLN A 185 4.30 -14.59 -32.11
N GLY A 186 5.62 -14.52 -32.12
CA GLY A 186 6.35 -13.26 -32.08
C GLY A 186 6.15 -12.40 -30.84
N HIS A 187 5.59 -12.98 -29.79
CA HIS A 187 5.68 -12.34 -28.50
C HIS A 187 7.13 -12.52 -28.09
N PRO A 188 7.61 -11.67 -27.17
CA PRO A 188 8.98 -11.84 -26.64
C PRO A 188 8.97 -12.74 -25.42
N LEU A 189 10.12 -13.07 -24.84
CA LEU A 189 10.12 -13.90 -23.64
C LEU A 189 9.48 -13.12 -22.50
N PRO A 190 8.65 -13.79 -21.67
CA PRO A 190 8.04 -13.22 -20.47
C PRO A 190 8.96 -13.18 -19.24
N LYS A 191 8.58 -12.36 -18.26
CA LYS A 191 9.28 -12.34 -16.99
C LYS A 191 9.09 -13.71 -16.29
N ARG A 192 7.82 -14.09 -16.12
CA ARG A 192 7.42 -15.24 -15.30
C ARG A 192 6.77 -16.38 -16.09
N VAL A 193 6.94 -17.61 -15.60
CA VAL A 193 6.40 -18.78 -16.30
C VAL A 193 5.96 -19.83 -15.27
N ARG A 194 5.07 -20.74 -15.67
CA ARG A 194 4.45 -21.72 -14.77
C ARG A 194 4.44 -23.10 -15.40
N ASN A 195 4.60 -24.15 -14.61
CA ASN A 195 4.45 -25.52 -15.09
C ASN A 195 3.06 -25.76 -15.70
N ALA A 196 3.01 -26.42 -16.85
CA ALA A 196 1.74 -26.74 -17.46
C ALA A 196 1.04 -27.84 -16.65
N TYR A 197 1.79 -28.58 -15.87
CA TYR A 197 1.25 -29.72 -15.12
C TYR A 197 0.89 -29.41 -13.65
N ASP A 198 1.43 -28.34 -13.10
CA ASP A 198 1.08 -27.93 -11.74
C ASP A 198 1.15 -26.41 -11.57
N ARG A 199 1.19 -25.97 -10.32
CA ARG A 199 1.17 -24.54 -9.95
C ARG A 199 2.55 -23.90 -9.79
N ARG A 200 3.61 -24.71 -9.72
CA ARG A 200 4.96 -24.18 -9.47
C ARG A 200 5.35 -23.06 -10.44
N THR A 201 5.63 -21.87 -9.94
CA THR A 201 6.14 -20.86 -10.87
C THR A 201 7.65 -21.01 -10.97
N TRP A 202 8.17 -20.48 -12.06
CA TRP A 202 9.58 -20.42 -12.41
C TRP A 202 9.92 -19.09 -13.05
N GLU A 203 10.97 -18.45 -12.55
CA GLU A 203 11.41 -17.21 -13.13
C GLU A 203 12.19 -17.65 -14.39
N LEU A 204 11.71 -17.26 -15.57
CA LEU A 204 12.32 -17.70 -16.84
C LEU A 204 13.54 -16.86 -17.11
N LEU A 205 14.33 -17.23 -18.11
CA LEU A 205 15.61 -16.58 -18.27
C LEU A 205 16.21 -16.58 -19.67
N ARG A 206 17.04 -17.57 -19.91
CA ARG A 206 17.64 -17.83 -21.20
C ARG A 206 16.90 -18.95 -21.90
N LEU A 207 16.32 -18.70 -23.06
CA LEU A 207 15.93 -19.84 -23.89
C LEU A 207 17.26 -20.45 -24.32
N GLY A 208 17.35 -21.75 -24.56
CA GLY A 208 18.65 -22.34 -24.87
C GLY A 208 18.84 -23.19 -26.12
N GLU A 209 20.04 -23.10 -26.69
CA GLU A 209 20.45 -23.86 -27.88
C GLU A 209 20.59 -25.40 -27.75
N GLU A 210 20.62 -25.93 -26.54
CA GLU A 210 20.83 -27.38 -26.31
C GLU A 210 19.80 -28.28 -27.01
N ASP A 211 20.01 -29.60 -26.90
CA ASP A 211 18.99 -30.55 -27.29
C ASP A 211 18.62 -31.44 -26.10
N PRO A 212 17.31 -31.76 -25.96
CA PRO A 212 16.89 -32.81 -25.03
C PRO A 212 16.85 -34.15 -25.77
N LYS A 213 16.57 -35.24 -25.06
CA LYS A 213 16.85 -36.58 -25.58
C LYS A 213 18.34 -36.64 -25.91
N GLU A 214 19.09 -35.77 -25.24
CA GLU A 214 20.53 -35.64 -25.44
C GLU A 214 21.14 -34.75 -24.35
N LEU A 215 20.29 -34.11 -23.54
CA LEU A 215 20.75 -33.31 -22.42
C LEU A 215 20.80 -34.24 -21.22
N PRO A 216 21.75 -34.04 -20.32
CA PRO A 216 21.78 -35.06 -19.27
C PRO A 216 21.39 -34.60 -17.88
N LEU A 217 20.39 -35.28 -17.33
CA LEU A 217 19.95 -35.02 -15.98
C LEU A 217 20.67 -35.98 -15.05
N PRO A 218 20.78 -35.61 -13.76
CA PRO A 218 21.51 -36.50 -12.84
C PRO A 218 20.69 -37.74 -12.53
N GLY A 219 21.16 -38.89 -13.04
CA GLY A 219 20.52 -40.18 -12.83
C GLY A 219 20.52 -41.01 -14.10
N GLY A 220 21.30 -40.56 -15.08
CA GLY A 220 21.47 -41.29 -16.33
C GLY A 220 20.45 -40.87 -17.36
N LEU A 221 19.32 -40.35 -16.86
CA LEU A 221 18.19 -39.90 -17.67
C LEU A 221 18.43 -38.56 -18.36
N SER A 222 17.69 -38.32 -19.43
CA SER A 222 17.74 -37.06 -20.16
C SER A 222 16.51 -36.21 -19.85
N LEU A 223 16.53 -34.90 -20.17
CA LEU A 223 15.37 -34.01 -19.96
C LEU A 223 14.10 -34.59 -20.54
N LEU A 224 14.19 -34.91 -21.82
CA LEU A 224 13.07 -35.46 -22.54
C LEU A 224 12.55 -36.69 -21.78
N ASP A 225 13.40 -37.68 -21.56
CA ASP A 225 12.91 -38.89 -20.92
C ASP A 225 12.56 -38.73 -19.44
N TYR A 226 13.10 -37.71 -18.78
CA TYR A 226 12.65 -37.41 -17.43
C TYR A 226 11.21 -36.94 -17.37
N HIS A 227 10.88 -35.97 -18.23
CA HIS A 227 9.50 -35.45 -18.28
C HIS A 227 8.53 -36.49 -18.88
N ALA A 228 9.03 -37.26 -19.85
CA ALA A 228 8.29 -38.36 -20.50
C ALA A 228 7.90 -39.42 -19.49
N SER A 229 8.88 -39.80 -18.67
CA SER A 229 8.68 -40.78 -17.61
C SER A 229 7.50 -40.42 -16.71
N LYS A 230 7.48 -39.17 -16.26
CA LYS A 230 6.38 -38.62 -15.44
C LYS A 230 5.10 -38.40 -16.28
N GLY A 231 5.22 -38.64 -17.58
CA GLY A 231 4.15 -38.54 -18.57
C GLY A 231 3.43 -37.22 -18.53
N ARG A 232 4.07 -36.25 -19.16
CA ARG A 232 3.59 -34.88 -19.24
C ARG A 232 3.58 -34.54 -20.70
N LEU A 233 4.25 -35.39 -21.46
CA LEU A 233 4.37 -35.26 -22.90
C LEU A 233 3.30 -36.09 -23.53
N GLN A 234 2.19 -36.26 -22.82
CA GLN A 234 1.11 -37.02 -23.38
C GLN A 234 0.21 -36.04 -24.09
N GLY A 235 -0.20 -35.00 -23.40
CA GLY A 235 -1.05 -34.02 -24.05
C GLY A 235 -0.16 -33.19 -24.95
N ARG A 236 0.71 -32.41 -24.30
CA ARG A 236 1.67 -31.53 -24.94
C ARG A 236 2.76 -32.26 -25.77
N GLU A 237 3.49 -31.48 -26.56
CA GLU A 237 4.75 -31.93 -27.15
C GLU A 237 5.84 -31.07 -26.54
N GLY A 238 7.04 -31.64 -26.37
CA GLY A 238 8.14 -30.95 -25.72
C GLY A 238 8.72 -29.86 -26.60
N GLY A 239 9.43 -28.90 -26.03
CA GLY A 239 9.82 -27.72 -26.79
C GLY A 239 11.27 -27.55 -27.21
N ARG A 240 11.73 -26.30 -27.16
CA ARG A 240 13.15 -25.99 -27.25
C ARG A 240 13.68 -26.26 -25.82
N VAL A 241 14.92 -25.91 -25.50
CA VAL A 241 15.33 -26.10 -24.10
C VAL A 241 15.36 -24.77 -23.35
N ALA A 242 14.32 -24.50 -22.58
CA ALA A 242 14.25 -23.23 -21.87
C ALA A 242 15.03 -23.36 -20.56
N TRP A 243 15.49 -22.24 -20.02
CA TRP A 243 16.16 -22.28 -18.72
C TRP A 243 15.40 -21.49 -17.70
N VAL A 244 15.24 -22.11 -16.54
CA VAL A 244 14.56 -21.46 -15.45
C VAL A 244 15.36 -21.39 -14.14
N ALA A 245 15.15 -20.30 -13.42
CA ALA A 245 15.71 -20.09 -12.09
C ALA A 245 14.60 -20.12 -11.05
N ASP A 246 14.74 -20.95 -10.01
CA ASP A 246 13.71 -21.01 -8.94
C ASP A 246 13.42 -19.58 -8.44
N PRO A 247 12.18 -19.32 -7.99
CA PRO A 247 11.90 -17.94 -7.58
C PRO A 247 12.58 -17.57 -6.26
N LYS A 248 12.59 -18.48 -5.31
CA LYS A 248 13.31 -18.25 -4.05
C LYS A 248 14.81 -18.26 -4.33
N ASP A 249 15.28 -19.32 -4.97
CA ASP A 249 16.69 -19.50 -5.30
C ASP A 249 17.25 -18.32 -6.10
N PRO A 250 18.57 -18.12 -6.00
CA PRO A 250 19.11 -16.96 -6.71
C PRO A 250 19.98 -17.37 -7.88
N ARG A 251 19.51 -17.05 -9.10
CA ARG A 251 20.28 -17.25 -10.31
C ARG A 251 20.91 -18.63 -10.50
N LYS A 252 20.39 -19.65 -9.84
CA LYS A 252 20.78 -21.00 -10.20
C LYS A 252 19.95 -21.41 -11.40
N PRO A 253 20.54 -22.16 -12.34
CA PRO A 253 19.72 -22.46 -13.52
C PRO A 253 19.31 -23.93 -13.57
N ILE A 254 18.05 -24.15 -13.93
CA ILE A 254 17.52 -25.48 -14.09
C ILE A 254 17.04 -25.62 -15.54
N PRO A 255 17.15 -26.83 -16.12
CA PRO A 255 16.68 -26.90 -17.51
C PRO A 255 15.18 -27.08 -17.53
N HIS A 256 14.54 -27.09 -18.70
CA HIS A 256 13.09 -27.19 -18.74
C HIS A 256 12.57 -27.07 -20.14
N LEU A 257 11.71 -27.98 -20.56
CA LEU A 257 11.14 -27.90 -21.89
C LEU A 257 10.23 -26.68 -22.08
N THR A 258 10.22 -26.15 -23.30
CA THR A 258 9.34 -25.05 -23.62
C THR A 258 7.92 -25.50 -23.73
N GLY A 259 7.74 -26.78 -24.07
CA GLY A 259 6.44 -27.34 -24.33
C GLY A 259 5.63 -27.50 -23.07
N LEU A 260 6.30 -27.33 -21.93
CA LEU A 260 5.71 -27.67 -20.63
C LEU A 260 5.63 -26.46 -19.75
N LEU A 261 6.05 -25.32 -20.28
CA LEU A 261 5.91 -24.08 -19.54
C LEU A 261 4.78 -23.25 -20.11
N VAL A 262 4.24 -22.37 -19.28
CA VAL A 262 3.17 -21.48 -19.66
C VAL A 262 3.42 -20.08 -19.09
N PRO A 263 3.40 -19.03 -19.92
CA PRO A 263 3.72 -17.71 -19.35
C PRO A 263 2.71 -17.20 -18.31
N VAL A 264 3.19 -16.57 -17.25
CA VAL A 264 2.27 -15.84 -16.38
C VAL A 264 2.33 -14.35 -16.72
N LEU A 265 1.18 -13.74 -16.96
CA LEU A 265 1.13 -12.41 -17.54
C LEU A 265 0.79 -11.37 -16.51
N THR A 266 1.54 -10.26 -16.54
CA THR A 266 1.24 -9.14 -15.67
C THR A 266 0.91 -7.95 -16.56
N LEU A 267 0.68 -6.80 -15.95
CA LEU A 267 0.33 -5.61 -16.69
C LEU A 267 1.45 -5.16 -17.61
N GLU A 268 2.68 -5.46 -17.19
CA GLU A 268 3.88 -5.10 -17.92
C GLU A 268 3.88 -5.70 -19.31
N ASP A 269 3.14 -6.79 -19.43
CA ASP A 269 3.11 -7.65 -20.59
C ASP A 269 2.06 -7.23 -21.63
N LEU A 270 1.27 -6.20 -21.34
CA LEU A 270 0.26 -5.79 -22.31
C LEU A 270 0.66 -4.54 -23.11
N HIS A 271 1.74 -4.69 -23.87
CA HIS A 271 2.17 -3.71 -24.87
C HIS A 271 1.97 -4.29 -26.27
N ALA A 278 -7.59 -1.05 -21.33
CA ALA A 278 -7.99 -0.18 -20.22
C ALA A 278 -7.44 -0.66 -18.86
N LEU A 279 -8.35 -1.25 -18.07
CA LEU A 279 -8.23 -1.60 -16.64
C LEU A 279 -8.17 -0.42 -15.71
N SER A 280 -8.26 0.77 -16.27
CA SER A 280 -8.37 1.97 -15.48
C SER A 280 -9.82 2.14 -15.13
N LEU A 281 -10.63 2.23 -16.18
CA LEU A 281 -12.06 2.47 -16.07
C LEU A 281 -12.20 3.87 -15.54
N PRO A 282 -12.51 4.82 -16.42
CA PRO A 282 -12.83 6.14 -15.92
C PRO A 282 -14.02 5.95 -15.03
N TRP A 283 -14.19 6.83 -14.05
CA TRP A 283 -15.13 6.57 -12.98
C TRP A 283 -16.58 6.39 -13.40
N GLU A 284 -17.00 7.06 -14.46
CA GLU A 284 -18.38 6.92 -14.90
C GLU A 284 -18.68 5.47 -15.30
N GLU A 285 -17.77 4.89 -16.07
CA GLU A 285 -17.94 3.51 -16.50
C GLU A 285 -17.92 2.54 -15.30
N ARG A 286 -16.99 2.74 -14.36
CA ARG A 286 -16.94 1.87 -13.17
C ARG A 286 -18.26 1.91 -12.41
N ARG A 287 -18.80 3.11 -12.24
CA ARG A 287 -20.07 3.30 -11.56
C ARG A 287 -21.19 2.55 -12.28
N ARG A 288 -21.19 2.65 -13.61
CA ARG A 288 -22.16 1.94 -14.43
C ARG A 288 -22.12 0.41 -14.16
N ARG A 289 -20.92 -0.13 -14.36
CA ARG A 289 -20.64 -1.54 -14.16
C ARG A 289 -21.00 -2.04 -12.75
N THR A 290 -20.69 -1.23 -11.74
CA THR A 290 -21.00 -1.57 -10.35
C THR A 290 -22.51 -1.74 -10.17
N ARG A 291 -23.29 -0.83 -10.73
CA ARG A 291 -24.74 -0.97 -10.58
C ARG A 291 -25.23 -2.22 -11.30
N GLU A 292 -24.70 -2.43 -12.50
CA GLU A 292 -25.11 -3.60 -13.28
C GLU A 292 -24.89 -4.92 -12.54
N ILE A 293 -23.65 -5.09 -12.07
CA ILE A 293 -23.23 -6.32 -11.39
C ILE A 293 -23.94 -6.54 -10.07
N ALA A 294 -24.12 -5.43 -9.35
CA ALA A 294 -24.87 -5.46 -8.11
C ALA A 294 -26.29 -5.99 -8.28
N SER A 295 -26.98 -5.44 -9.28
CA SER A 295 -28.37 -5.82 -9.46
C SER A 295 -28.47 -7.27 -9.88
N TRP A 296 -27.58 -7.66 -10.78
CA TRP A 296 -27.48 -9.05 -11.19
C TRP A 296 -27.26 -10.05 -10.03
N ILE A 297 -26.34 -9.73 -9.14
CA ILE A 297 -26.06 -10.57 -7.97
C ILE A 297 -27.29 -10.68 -7.09
N GLY A 298 -27.94 -9.54 -6.89
CA GLY A 298 -29.16 -9.50 -6.11
C GLY A 298 -30.13 -10.50 -6.68
N ARG A 299 -30.11 -10.62 -8.01
CA ARG A 299 -31.05 -11.50 -8.68
C ARG A 299 -30.70 -12.97 -8.49
N ARG A 300 -29.41 -13.30 -8.59
CA ARG A 300 -28.96 -14.69 -8.45
C ARG A 300 -29.21 -15.18 -7.01
N LEU A 301 -29.06 -14.27 -6.04
CA LEU A 301 -29.21 -14.61 -4.63
C LEU A 301 -30.63 -14.35 -4.17
N GLY A 302 -31.08 -15.12 -3.18
CA GLY A 302 -32.42 -14.97 -2.64
C GLY A 302 -32.48 -13.80 -1.68
N LEU A 303 -31.76 -12.74 -2.01
CA LEU A 303 -31.68 -11.56 -1.15
C LEU A 303 -32.52 -10.34 -1.49
N GLY A 304 -33.24 -10.36 -2.60
CA GLY A 304 -34.16 -9.28 -2.87
C GLY A 304 -33.63 -8.25 -3.83
N THR A 305 -34.18 -7.04 -3.76
CA THR A 305 -33.74 -6.01 -4.69
C THR A 305 -32.73 -5.14 -4.02
N PRO A 306 -31.59 -4.96 -4.69
CA PRO A 306 -30.48 -4.17 -4.17
C PRO A 306 -30.79 -2.69 -4.24
N GLU A 307 -30.58 -1.97 -3.15
CA GLU A 307 -30.77 -0.53 -3.18
C GLU A 307 -29.47 0.21 -2.85
N ALA A 308 -29.02 1.06 -3.76
CA ALA A 308 -27.71 1.69 -3.62
C ALA A 308 -27.77 2.67 -2.46
N VAL A 309 -26.72 2.67 -1.65
CA VAL A 309 -26.66 3.55 -0.49
C VAL A 309 -26.15 4.97 -0.78
N ARG A 310 -26.89 5.96 -0.28
CA ARG A 310 -26.52 7.37 -0.41
C ARG A 310 -25.99 7.97 0.89
N ALA A 311 -25.04 8.89 0.74
CA ALA A 311 -24.45 9.66 1.84
C ALA A 311 -24.27 11.11 1.44
N GLN A 312 -24.45 11.99 2.43
CA GLN A 312 -24.26 13.41 2.27
C GLN A 312 -22.75 13.69 2.25
N ALA A 313 -22.29 14.47 1.27
CA ALA A 313 -20.86 14.79 1.11
C ALA A 313 -20.61 16.29 1.05
N TYR A 314 -19.45 16.77 1.51
CA TYR A 314 -19.13 18.21 1.50
C TYR A 314 -17.80 18.50 0.80
N ARG A 315 -17.72 19.58 0.02
CA ARG A 315 -16.44 19.93 -0.61
C ARG A 315 -15.63 20.92 0.21
N LEU A 316 -14.46 20.46 0.66
CA LEU A 316 -13.61 21.25 1.53
C LEU A 316 -12.96 22.33 0.70
N SER A 317 -12.68 23.46 1.34
CA SER A 317 -12.08 24.59 0.67
C SER A 317 -10.76 24.17 0.08
N ILE A 318 -10.38 24.83 -1.00
CA ILE A 318 -9.15 24.48 -1.67
C ILE A 318 -8.00 25.12 -0.90
N PRO A 319 -6.97 24.32 -0.57
CA PRO A 319 -5.86 24.90 0.19
C PRO A 319 -5.02 25.85 -0.66
N LYS A 320 -4.49 26.88 -0.02
CA LYS A 320 -3.69 27.89 -0.70
C LYS A 320 -2.22 27.63 -0.44
N LEU A 321 -1.56 27.03 -1.42
CA LEU A 321 -0.15 26.66 -1.32
C LEU A 321 0.83 27.84 -1.48
N MET A 322 1.88 27.88 -0.66
CA MET A 322 2.85 28.98 -0.68
C MET A 322 4.32 28.60 -0.88
N GLY A 323 4.99 29.33 -1.75
CA GLY A 323 6.44 29.38 -1.76
C GLY A 323 6.82 30.69 -1.11
N ARG A 324 7.76 31.41 -1.71
CA ARG A 324 8.04 32.81 -1.34
C ARG A 324 6.81 33.69 -1.58
N ARG A 325 6.05 33.36 -2.63
CA ARG A 325 4.73 33.97 -2.88
C ARG A 325 3.74 32.90 -3.31
N ALA A 326 2.53 33.32 -3.72
CA ALA A 326 1.43 32.41 -4.05
C ALA A 326 1.86 31.37 -5.08
N VAL A 327 1.45 30.12 -4.87
CA VAL A 327 1.78 29.05 -5.80
C VAL A 327 0.63 28.04 -6.09
N SER A 328 0.69 27.38 -7.25
CA SER A 328 -0.25 26.30 -7.58
C SER A 328 0.31 24.86 -7.47
N LYS A 329 1.62 24.70 -7.60
CA LYS A 329 2.25 23.38 -7.49
C LYS A 329 3.64 23.53 -6.87
N PRO A 330 4.18 22.49 -6.23
CA PRO A 330 5.50 22.72 -5.63
C PRO A 330 6.61 23.04 -6.64
N ALA A 331 6.52 22.54 -7.87
CA ALA A 331 7.51 22.89 -8.89
C ALA A 331 7.60 24.39 -9.19
N ASP A 332 6.55 25.14 -8.88
CA ASP A 332 6.54 26.60 -9.10
C ASP A 332 7.50 27.37 -8.17
N ALA A 333 7.78 26.81 -7.00
CA ALA A 333 8.71 27.44 -6.04
C ALA A 333 10.09 27.65 -6.65
N LEU A 334 10.39 26.86 -7.67
CA LEU A 334 11.62 26.98 -8.43
C LEU A 334 11.71 28.35 -9.11
N ARG A 335 10.55 28.90 -9.48
CA ARG A 335 10.46 30.20 -10.12
C ARG A 335 10.21 31.32 -9.09
N VAL A 336 9.42 31.02 -8.06
CA VAL A 336 8.95 32.09 -7.19
C VAL A 336 9.74 32.23 -5.88
N GLY A 337 10.44 31.18 -5.48
CA GLY A 337 11.16 31.18 -4.21
C GLY A 337 10.50 30.35 -3.10
N PHE A 338 11.30 29.88 -2.16
CA PHE A 338 10.82 28.98 -1.13
C PHE A 338 10.22 29.69 0.09
N TYR A 339 9.41 28.96 0.85
CA TYR A 339 8.85 29.49 2.08
C TYR A 339 10.01 29.94 2.99
N ARG A 340 10.98 29.05 3.21
CA ARG A 340 12.18 29.40 3.97
C ARG A 340 13.51 28.95 3.35
N ALA A 341 14.36 29.93 3.05
CA ALA A 341 15.67 29.70 2.44
C ALA A 341 16.80 29.82 3.46
N GLN A 342 17.86 29.05 3.26
CA GLN A 342 19.05 29.11 4.10
C GLN A 342 20.32 29.06 3.25
N GLU A 343 21.45 29.50 3.79
CA GLU A 343 22.72 29.44 3.05
C GLU A 343 23.09 28.00 2.74
N THR A 344 23.11 27.63 1.46
CA THR A 344 23.39 26.24 1.10
C THR A 344 24.51 26.00 0.06
N ALA A 345 25.09 24.80 0.14
CA ALA A 345 26.14 24.33 -0.75
C ALA A 345 25.83 22.91 -1.25
N LEU A 346 25.91 22.71 -2.56
CA LEU A 346 25.54 21.40 -3.16
C LEU A 346 26.66 20.78 -3.98
N ALA A 347 26.76 19.45 -4.06
CA ALA A 347 27.86 18.88 -4.84
C ALA A 347 27.42 18.03 -6.04
N LEU A 348 28.24 17.97 -7.09
CA LEU A 348 27.95 17.11 -8.24
C LEU A 348 28.90 15.95 -8.34
N LEU A 349 28.35 14.75 -8.47
CA LEU A 349 29.15 13.55 -8.71
C LEU A 349 28.78 12.91 -10.02
N ARG A 350 29.70 12.94 -10.97
CA ARG A 350 29.40 12.31 -12.25
C ARG A 350 29.98 10.90 -12.27
N LEU A 351 29.09 9.91 -12.37
CA LEU A 351 29.49 8.51 -12.47
C LEU A 351 29.41 7.85 -13.85
N ASP A 352 29.42 8.66 -14.90
CA ASP A 352 29.19 8.16 -16.23
C ASP A 352 30.45 8.40 -17.05
N GLY A 353 31.40 9.08 -16.45
CA GLY A 353 32.63 9.44 -17.13
C GLY A 353 32.48 10.75 -17.88
N ALA A 354 31.54 11.59 -17.44
CA ALA A 354 31.38 12.93 -17.99
C ALA A 354 32.09 13.95 -17.09
N GLN A 355 31.98 15.24 -17.42
CA GLN A 355 32.73 16.27 -16.68
C GLN A 355 31.82 17.11 -15.77
N GLY A 356 31.89 18.43 -15.89
CA GLY A 356 31.32 19.32 -14.89
C GLY A 356 29.80 19.41 -14.80
N TRP A 357 29.32 20.53 -14.26
CA TRP A 357 27.89 20.77 -14.11
C TRP A 357 27.11 20.88 -15.40
N PRO A 358 25.99 20.18 -15.50
CA PRO A 358 25.07 20.45 -16.60
C PRO A 358 24.64 21.93 -16.46
N GLU A 359 24.62 22.66 -17.56
CA GLU A 359 24.41 24.10 -17.50
C GLU A 359 23.01 24.56 -17.08
N PHE A 360 21.99 23.93 -17.66
CA PHE A 360 20.58 24.29 -17.44
C PHE A 360 20.10 24.07 -16.01
N LEU A 361 20.66 23.06 -15.38
CA LEU A 361 20.39 22.77 -13.99
C LEU A 361 20.93 23.91 -13.14
N ARG A 362 22.16 24.32 -13.43
CA ARG A 362 22.83 25.40 -12.74
C ARG A 362 22.02 26.69 -12.89
N ARG A 363 21.58 26.97 -14.12
CA ARG A 363 20.74 28.14 -14.40
C ARG A 363 19.43 28.13 -13.61
N ALA A 364 18.73 27.01 -13.68
CA ALA A 364 17.46 26.90 -12.97
C ALA A 364 17.58 27.07 -11.44
N LEU A 365 18.50 26.33 -10.82
CA LEU A 365 18.72 26.48 -9.37
C LEU A 365 19.22 27.86 -8.96
N LEU A 366 20.23 28.37 -9.64
CA LEU A 366 20.75 29.72 -9.36
C LEU A 366 19.64 30.75 -9.43
N ARG A 367 18.80 30.66 -10.47
CA ARG A 367 17.68 31.57 -10.61
C ARG A 367 16.80 31.44 -9.37
N ALA A 368 16.53 30.21 -8.98
CA ALA A 368 15.69 29.92 -7.81
C ALA A 368 16.18 30.51 -6.48
N PHE A 369 17.48 30.33 -6.20
CA PHE A 369 18.08 30.78 -4.96
C PHE A 369 18.22 32.30 -5.02
N GLY A 370 18.20 32.83 -6.24
CA GLY A 370 18.18 34.27 -6.44
C GLY A 370 16.82 34.81 -6.00
N ALA A 371 15.75 34.13 -6.43
CA ALA A 371 14.39 34.51 -6.04
C ALA A 371 14.15 34.40 -4.54
N SER A 372 14.76 33.37 -3.94
CA SER A 372 14.60 33.14 -2.51
C SER A 372 15.46 34.09 -1.67
N GLY A 373 16.40 34.77 -2.31
CA GLY A 373 17.28 35.70 -1.62
C GLY A 373 18.34 35.06 -0.73
N ALA A 374 18.69 33.80 -1.00
CA ALA A 374 19.70 33.10 -0.23
C ALA A 374 20.92 32.81 -1.09
N SER A 375 22.07 32.65 -0.44
CA SER A 375 23.30 32.43 -1.18
C SER A 375 23.57 30.95 -1.43
N LEU A 376 24.00 30.66 -2.66
CA LEU A 376 24.29 29.31 -3.11
C LEU A 376 25.75 29.09 -3.50
N ARG A 377 26.35 27.98 -3.08
CA ARG A 377 27.69 27.61 -3.57
C ARG A 377 27.68 26.19 -4.17
N LEU A 378 28.10 26.06 -5.42
CA LEU A 378 28.15 24.76 -6.08
C LEU A 378 29.56 24.14 -6.18
N HIS A 379 29.70 22.89 -5.72
CA HIS A 379 30.96 22.13 -5.75
C HIS A 379 30.83 20.93 -6.69
N THR A 380 31.95 20.38 -7.14
CA THR A 380 31.96 19.15 -7.93
C THR A 380 32.90 18.15 -7.29
N LEU A 381 32.40 16.94 -7.07
CA LEU A 381 33.23 15.86 -6.55
C LEU A 381 34.04 15.09 -7.57
N HIS A 382 35.35 15.22 -7.48
CA HIS A 382 36.24 14.49 -8.36
C HIS A 382 36.81 13.21 -7.74
N ALA A 383 36.05 12.13 -7.85
CA ALA A 383 36.46 10.79 -7.39
C ALA A 383 35.35 9.79 -7.71
N HIS A 384 35.74 8.54 -7.93
CA HIS A 384 34.80 7.50 -8.30
C HIS A 384 34.81 6.55 -7.12
N PRO A 385 33.65 5.97 -6.77
CA PRO A 385 33.56 5.05 -5.63
C PRO A 385 34.43 3.81 -5.80
N SER A 386 34.86 3.56 -7.03
CA SER A 386 35.73 2.42 -7.32
C SER A 386 37.12 2.65 -6.72
N GLN A 387 37.36 3.81 -6.12
CA GLN A 387 38.65 4.14 -5.54
C GLN A 387 38.71 3.78 -4.06
N GLY A 388 37.72 3.01 -3.60
CA GLY A 388 37.69 2.49 -2.25
C GLY A 388 37.60 3.52 -1.14
N LEU A 389 38.66 3.62 -0.35
CA LEU A 389 38.65 4.42 0.87
C LEU A 389 38.88 5.90 0.56
N ALA A 390 39.65 6.15 -0.49
CA ALA A 390 39.94 7.52 -0.92
C ALA A 390 38.67 8.26 -1.33
N PHE A 391 37.68 7.51 -1.80
CA PHE A 391 36.39 8.08 -2.13
C PHE A 391 35.70 8.66 -0.88
N ARG A 392 35.68 7.86 0.19
CA ARG A 392 35.19 8.30 1.50
C ARG A 392 35.97 9.50 2.05
N GLU A 393 37.29 9.50 1.81
CA GLU A 393 38.15 10.64 2.20
C GLU A 393 37.69 11.94 1.52
N ALA A 394 37.42 11.83 0.22
CA ALA A 394 36.94 12.95 -0.56
C ALA A 394 35.57 13.44 -0.07
N LEU A 395 34.70 12.49 0.25
CA LEU A 395 33.39 12.79 0.84
C LEU A 395 33.50 13.59 2.14
N ARG A 396 34.33 13.12 3.07
CA ARG A 396 34.56 13.82 4.34
C ARG A 396 35.10 15.23 4.14
N LYS A 397 36.05 15.36 3.20
CA LYS A 397 36.60 16.66 2.82
C LYS A 397 35.49 17.60 2.31
N ALA A 398 34.59 17.06 1.51
CA ALA A 398 33.48 17.84 0.96
C ALA A 398 32.59 18.34 2.10
N LYS A 399 32.22 17.44 3.01
CA LYS A 399 31.37 17.82 4.13
C LYS A 399 32.02 18.93 4.93
N GLU A 400 33.34 18.81 5.16
CA GLU A 400 34.13 19.85 5.83
C GLU A 400 34.05 21.21 5.13
N GLU A 401 34.07 21.21 3.80
CA GLU A 401 34.03 22.45 3.02
C GLU A 401 32.64 23.10 3.01
N GLY A 402 31.69 22.49 3.71
CA GLY A 402 30.39 23.08 3.92
C GLY A 402 29.26 22.45 3.13
N VAL A 403 29.59 21.46 2.31
CA VAL A 403 28.61 20.79 1.45
C VAL A 403 27.51 20.09 2.24
N GLN A 404 26.25 20.30 1.82
CA GLN A 404 25.08 19.81 2.55
C GLN A 404 24.35 18.62 1.91
N ALA A 405 24.42 18.49 0.59
CA ALA A 405 23.74 17.39 -0.12
C ALA A 405 24.42 17.10 -1.45
N VAL A 406 24.18 15.91 -1.97
CA VAL A 406 24.81 15.49 -3.22
C VAL A 406 23.88 15.07 -4.36
N LEU A 407 24.23 15.56 -5.55
CA LEU A 407 23.58 15.14 -6.79
C LEU A 407 24.44 14.10 -7.52
N VAL A 408 23.89 12.92 -7.77
CA VAL A 408 24.68 11.94 -8.49
C VAL A 408 24.06 11.69 -9.88
N LEU A 409 24.80 12.08 -10.92
CA LEU A 409 24.40 11.82 -12.31
C LEU A 409 25.00 10.52 -12.82
N THR A 410 24.17 9.51 -13.00
CA THR A 410 24.71 8.19 -13.32
C THR A 410 23.82 7.42 -14.29
N PRO A 411 24.40 6.48 -15.04
CA PRO A 411 23.50 5.60 -15.78
C PRO A 411 22.66 4.80 -14.79
N PRO A 412 21.51 4.27 -15.24
CA PRO A 412 20.63 3.53 -14.34
C PRO A 412 21.35 2.41 -13.61
N MET A 413 21.15 2.34 -12.28
CA MET A 413 21.85 1.40 -11.41
C MET A 413 20.99 0.23 -10.98
N ALA A 414 21.60 -0.95 -10.86
CA ALA A 414 20.94 -2.07 -10.20
C ALA A 414 20.72 -1.69 -8.73
N TRP A 415 19.59 -2.15 -8.16
CA TRP A 415 19.23 -1.88 -6.77
C TRP A 415 20.34 -2.06 -5.73
N GLU A 416 21.10 -3.15 -5.81
CA GLU A 416 22.09 -3.44 -4.77
C GLU A 416 23.16 -2.37 -4.79
N ASP A 417 23.63 -2.04 -6.00
CA ASP A 417 24.63 -1.01 -6.21
C ASP A 417 24.09 0.39 -5.84
N ARG A 418 22.80 0.63 -6.13
CA ARG A 418 22.13 1.91 -5.78
C ARG A 418 22.15 2.12 -4.26
N ASN A 419 21.65 1.11 -3.55
CA ASN A 419 21.63 1.08 -2.09
C ASN A 419 23.01 1.28 -1.49
N ARG A 420 24.01 0.56 -2.05
CA ARG A 420 25.39 0.65 -1.56
C ARG A 420 25.92 2.07 -1.68
N LEU A 421 25.71 2.71 -2.84
CA LEU A 421 26.16 4.09 -3.01
C LEU A 421 25.48 5.12 -2.10
N LYS A 422 24.14 5.07 -2.09
CA LYS A 422 23.32 5.96 -1.27
C LYS A 422 23.82 5.90 0.19
N ALA A 423 23.86 4.67 0.71
CA ALA A 423 24.33 4.41 2.07
C ALA A 423 25.75 4.93 2.33
N LEU A 424 26.65 4.64 1.38
CA LEU A 424 28.04 5.11 1.45
C LEU A 424 28.06 6.65 1.62
N LEU A 425 27.26 7.37 0.84
CA LEU A 425 27.17 8.82 1.05
C LEU A 425 26.54 9.19 2.39
N LEU A 426 25.47 8.49 2.78
CA LEU A 426 24.80 8.74 4.06
C LEU A 426 25.67 8.68 5.30
N ARG A 427 26.57 7.71 5.38
CA ARG A 427 27.40 7.60 6.58
C ARG A 427 28.22 8.84 6.80
N GLU A 428 28.47 9.56 5.71
CA GLU A 428 29.18 10.82 5.75
C GLU A 428 28.24 12.01 5.78
N GLY A 429 26.98 11.75 6.11
CA GLY A 429 25.98 12.79 6.23
C GLY A 429 25.53 13.41 4.92
N LEU A 430 25.65 12.66 3.83
CA LEU A 430 25.23 13.19 2.55
C LEU A 430 24.02 12.47 1.94
N PRO A 431 22.82 13.07 2.09
CA PRO A 431 21.66 12.57 1.37
C PRO A 431 21.94 12.74 -0.11
N SER A 432 21.36 11.91 -0.95
CA SER A 432 21.65 12.00 -2.37
C SER A 432 20.41 11.92 -3.23
N GLN A 433 20.50 12.56 -4.39
CA GLN A 433 19.45 12.44 -5.38
C GLN A 433 20.10 11.84 -6.64
N ILE A 434 19.56 10.74 -7.13
CA ILE A 434 20.07 10.12 -8.36
C ILE A 434 19.28 10.76 -9.50
N LEU A 435 19.89 11.00 -10.67
CA LEU A 435 19.11 11.52 -11.79
C LEU A 435 19.17 10.77 -13.14
N ASN A 436 20.06 9.80 -13.31
CA ASN A 436 20.14 9.06 -14.60
C ASN A 436 20.43 9.81 -15.91
N VAL A 437 21.57 9.49 -16.51
CA VAL A 437 21.89 9.94 -17.86
C VAL A 437 21.26 8.95 -18.85
N PRO A 438 20.72 9.43 -20.00
CA PRO A 438 20.84 10.62 -20.87
C PRO A 438 20.48 11.98 -20.26
N LEU A 439 19.19 12.13 -19.94
CA LEU A 439 18.51 13.36 -19.45
C LEU A 439 17.95 14.33 -20.50
N ARG A 440 18.78 15.24 -21.00
CA ARG A 440 18.42 16.28 -21.99
C ARG A 440 17.38 17.28 -21.44
N GLU A 441 17.66 18.57 -21.65
CA GLU A 441 16.86 19.70 -21.17
C GLU A 441 15.36 19.69 -21.50
N GLU A 442 14.97 19.08 -22.62
CA GLU A 442 13.56 19.14 -22.96
C GLU A 442 12.69 18.20 -22.13
N GLU A 443 13.32 17.29 -21.39
CA GLU A 443 12.62 16.42 -20.47
C GLU A 443 12.42 17.11 -19.13
N ARG A 444 11.70 18.23 -19.15
CA ARG A 444 11.71 19.18 -18.04
C ARG A 444 11.12 18.66 -16.73
N HIS A 445 10.03 17.90 -16.80
CA HIS A 445 9.42 17.41 -15.56
C HIS A 445 10.34 16.52 -14.74
N ARG A 446 11.00 15.56 -15.37
CA ARG A 446 11.85 14.66 -14.62
C ARG A 446 12.94 15.38 -13.80
N TRP A 447 13.75 16.19 -14.47
CA TRP A 447 14.85 16.86 -13.79
C TRP A 447 14.32 17.96 -12.85
N GLU A 448 13.15 18.56 -13.12
CA GLU A 448 12.62 19.48 -12.11
C GLU A 448 12.21 18.72 -10.82
N ASN A 449 11.59 17.54 -10.94
CA ASN A 449 11.26 16.75 -9.75
C ASN A 449 12.49 16.29 -8.98
N ALA A 450 13.53 15.94 -9.73
CA ALA A 450 14.79 15.54 -9.09
C ALA A 450 15.41 16.69 -8.33
N LEU A 451 15.31 17.89 -8.92
CA LEU A 451 15.82 19.11 -8.31
C LEU A 451 15.10 19.44 -6.98
N LEU A 452 13.77 19.27 -6.98
CA LEU A 452 12.97 19.48 -5.76
C LEU A 452 13.40 18.50 -4.66
N GLY A 453 13.65 17.26 -5.10
CA GLY A 453 14.12 16.22 -4.21
C GLY A 453 15.43 16.64 -3.59
N LEU A 454 16.37 17.08 -4.43
CA LEU A 454 17.68 17.56 -3.96
C LEU A 454 17.52 18.63 -2.89
N LEU A 455 16.63 19.58 -3.11
CA LEU A 455 16.52 20.67 -2.13
C LEU A 455 15.92 20.20 -0.82
N ALA A 456 14.90 19.36 -0.90
CA ALA A 456 14.37 18.78 0.31
C ALA A 456 15.43 17.97 1.07
N LYS A 457 16.34 17.32 0.33
CA LYS A 457 17.41 16.54 0.97
C LYS A 457 18.53 17.39 1.59
N ALA A 458 18.61 18.67 1.22
CA ALA A 458 19.59 19.54 1.86
C ALA A 458 18.88 20.34 2.95
N GLY A 459 17.58 20.10 3.08
CA GLY A 459 16.80 20.69 4.16
C GLY A 459 16.12 22.02 3.92
N LEU A 460 16.04 22.49 2.67
CA LEU A 460 15.29 23.72 2.42
C LEU A 460 13.81 23.39 2.51
N GLN A 461 13.01 24.36 2.97
CA GLN A 461 11.56 24.19 2.92
C GLN A 461 11.02 24.90 1.72
N VAL A 462 10.68 24.11 0.71
CA VAL A 462 10.24 24.68 -0.56
C VAL A 462 8.80 25.22 -0.42
N VAL A 463 7.87 24.47 0.19
CA VAL A 463 6.52 25.03 0.37
C VAL A 463 5.85 24.86 1.76
N ALA A 464 4.83 25.70 2.01
CA ALA A 464 4.01 25.68 3.25
C ALA A 464 2.56 26.16 3.01
N LEU A 465 1.64 25.94 3.97
CA LEU A 465 0.23 26.40 3.83
C LEU A 465 -0.16 27.77 4.43
N SER A 466 -1.37 28.22 4.06
CA SER A 466 -1.87 29.55 4.42
C SER A 466 -3.15 29.55 5.23
N GLY A 467 -3.75 28.38 5.40
CA GLY A 467 -5.00 28.30 6.14
C GLY A 467 -4.83 28.47 7.64
N ALA A 468 -5.94 28.36 8.36
CA ALA A 468 -5.92 28.40 9.82
C ALA A 468 -6.36 27.04 10.32
N TYR A 469 -5.45 26.30 10.98
CA TYR A 469 -5.74 24.92 11.35
C TYR A 469 -5.68 24.70 12.87
N PRO A 470 -6.55 23.80 13.38
CA PRO A 470 -6.75 23.40 14.79
C PRO A 470 -5.50 22.87 15.51
N ALA A 471 -4.61 22.17 14.80
CA ALA A 471 -3.40 21.59 15.40
C ALA A 471 -2.16 22.24 14.77
N GLU A 472 -1.20 22.68 15.59
CA GLU A 472 -0.02 23.33 15.06
C GLU A 472 1.19 22.40 14.96
N LEU A 473 0.97 21.13 15.26
CA LEU A 473 1.95 20.07 14.99
C LEU A 473 1.29 18.79 14.47
N ALA A 474 1.72 18.29 13.31
CA ALA A 474 1.15 17.05 12.79
C ALA A 474 2.18 15.94 12.60
N VAL A 475 1.88 14.77 13.14
CA VAL A 475 2.83 13.66 13.08
C VAL A 475 2.25 12.33 12.56
N GLY A 476 2.97 11.70 11.63
CA GLY A 476 2.58 10.42 11.07
C GLY A 476 3.45 9.26 11.50
N PHE A 477 2.82 8.09 11.67
CA PHE A 477 3.48 6.86 12.12
C PHE A 477 3.28 5.64 11.21
N ASP A 478 4.35 4.92 10.89
CA ASP A 478 4.20 3.67 10.08
C ASP A 478 5.29 2.63 10.40
N ALA A 479 5.07 1.40 9.96
CA ALA A 479 6.11 0.41 10.09
C ALA A 479 6.44 -0.17 8.73
N GLY A 480 7.75 -0.36 8.48
CA GLY A 480 8.25 -0.82 7.19
C GLY A 480 9.43 -1.77 7.26
N GLY A 481 9.85 -2.32 6.12
CA GLY A 481 10.93 -3.28 6.12
C GLY A 481 10.30 -4.62 5.85
N ARG A 482 11.08 -5.55 5.32
CA ARG A 482 10.43 -6.79 4.90
C ARG A 482 11.11 -8.04 5.40
N GLU A 483 12.16 -7.87 6.19
CA GLU A 483 12.88 -9.01 6.74
C GLU A 483 12.40 -9.60 8.07
N SER A 484 11.15 -10.07 8.14
CA SER A 484 10.58 -10.64 9.38
C SER A 484 10.59 -9.71 10.60
N PHE A 485 11.18 -8.52 10.48
CA PHE A 485 11.13 -7.54 11.55
C PHE A 485 10.85 -6.23 10.85
N ARG A 486 10.41 -5.22 11.58
CA ARG A 486 10.10 -3.97 10.93
C ARG A 486 10.75 -2.79 11.63
N PHE A 487 10.53 -1.62 11.05
CA PHE A 487 10.98 -0.36 11.60
C PHE A 487 9.77 0.49 11.82
N GLY A 488 9.55 0.89 13.06
CA GLY A 488 8.46 1.77 13.37
C GLY A 488 9.06 3.15 13.38
N GLY A 489 8.50 4.04 12.58
CA GLY A 489 9.05 5.36 12.49
C GLY A 489 7.98 6.41 12.43
N ALA A 490 8.44 7.65 12.59
CA ALA A 490 7.57 8.80 12.59
C ALA A 490 8.20 9.98 11.85
N ALA A 491 7.34 10.71 11.17
CA ALA A 491 7.75 11.94 10.48
C ALA A 491 6.75 13.04 10.80
N CYS A 492 7.20 14.29 10.75
CA CYS A 492 6.33 15.40 11.14
C CYS A 492 6.43 16.69 10.31
N ALA A 493 5.35 17.45 10.41
CA ALA A 493 5.22 18.81 9.89
C ALA A 493 4.98 19.75 11.06
N VAL A 494 5.92 20.68 11.24
CA VAL A 494 5.94 21.61 12.36
C VAL A 494 5.48 23.04 12.00
N GLY A 495 4.79 23.69 12.94
CA GLY A 495 4.27 25.02 12.71
C GLY A 495 2.85 25.13 12.17
N GLY A 496 2.18 26.23 12.50
CA GLY A 496 0.85 26.48 11.98
C GLY A 496 0.88 26.62 10.47
N ASP A 497 2.07 26.80 9.93
CA ASP A 497 2.22 27.00 8.50
C ASP A 497 2.79 25.75 7.86
N GLY A 498 3.14 24.79 8.71
CA GLY A 498 3.90 23.61 8.30
C GLY A 498 5.30 23.98 7.82
N GLY A 499 5.83 25.06 8.40
CA GLY A 499 7.08 25.66 7.97
C GLY A 499 8.35 24.85 8.13
N HIS A 500 8.27 23.70 8.81
CA HIS A 500 9.44 22.82 8.93
C HIS A 500 9.07 21.34 8.82
N LEU A 501 9.88 20.57 8.09
CA LEU A 501 9.64 19.12 7.96
C LEU A 501 10.77 18.28 8.55
N LEU A 502 10.44 17.35 9.44
CA LEU A 502 11.48 16.57 10.14
C LEU A 502 11.17 15.07 10.23
N TRP A 503 12.20 14.22 10.28
CA TRP A 503 12.03 12.79 10.57
C TRP A 503 12.69 12.35 11.89
N THR A 504 12.28 11.21 12.46
CA THR A 504 13.06 10.65 13.59
C THR A 504 13.58 9.23 13.32
N LEU A 505 14.73 8.89 13.91
CA LEU A 505 15.28 7.51 13.82
C LEU A 505 14.25 6.46 14.17
N PRO A 506 14.01 5.52 13.24
CA PRO A 506 13.01 4.49 13.53
C PRO A 506 13.51 3.52 14.59
N GLU A 507 12.67 2.59 15.02
CA GLU A 507 13.12 1.59 15.98
C GLU A 507 12.72 0.22 15.46
N ALA A 508 13.58 -0.77 15.65
CA ALA A 508 13.30 -2.13 15.21
C ALA A 508 12.26 -2.76 16.11
N GLN A 509 11.31 -3.43 15.48
CA GLN A 509 10.23 -4.08 16.21
C GLN A 509 9.89 -5.39 15.54
N ALA A 510 9.19 -6.27 16.25
CA ALA A 510 8.88 -7.60 15.75
C ALA A 510 7.93 -7.59 14.57
N GLY A 511 6.91 -6.75 14.68
CA GLY A 511 5.91 -6.66 13.64
C GLY A 511 5.36 -5.26 13.45
N GLU A 512 4.05 -5.20 13.26
CA GLU A 512 3.38 -3.94 12.94
C GLU A 512 3.12 -3.09 14.18
N ARG A 513 2.87 -3.74 15.29
CA ARG A 513 2.56 -3.02 16.52
C ARG A 513 3.80 -2.26 17.02
N ILE A 514 3.62 -0.95 17.20
CA ILE A 514 4.65 -0.09 17.75
C ILE A 514 4.52 -0.12 19.27
N PRO A 515 5.60 -0.44 19.99
CA PRO A 515 5.57 -0.49 21.46
C PRO A 515 5.12 0.84 22.08
N GLN A 516 4.39 0.84 23.20
CA GLN A 516 3.89 2.11 23.74
C GLN A 516 4.99 3.16 23.97
N GLU A 517 6.07 2.73 24.60
CA GLU A 517 7.20 3.62 24.91
C GLU A 517 7.89 4.16 23.67
N VAL A 518 7.91 3.37 22.60
CA VAL A 518 8.50 3.80 21.32
C VAL A 518 7.67 4.93 20.71
N VAL A 519 6.35 4.75 20.78
CA VAL A 519 5.42 5.72 20.25
C VAL A 519 5.64 7.03 20.96
N TRP A 520 5.72 6.92 22.28
CA TRP A 520 5.91 8.12 23.05
C TRP A 520 7.26 8.78 22.74
N ASP A 521 8.34 8.00 22.61
CA ASP A 521 9.67 8.59 22.36
C ASP A 521 9.78 9.34 21.04
N LEU A 522 9.22 8.76 19.98
CA LEU A 522 9.21 9.43 18.67
C LEU A 522 8.40 10.72 18.77
N LEU A 523 7.22 10.59 19.39
CA LEU A 523 6.38 11.77 19.65
C LEU A 523 7.12 12.88 20.39
N GLU A 524 7.83 12.50 21.45
CA GLU A 524 8.55 13.44 22.29
C GLU A 524 9.60 14.17 21.48
N GLU A 525 10.31 13.44 20.62
CA GLU A 525 11.30 14.08 19.77
C GLU A 525 10.66 15.11 18.85
N THR A 526 9.46 14.84 18.36
CA THR A 526 8.81 15.87 17.55
C THR A 526 8.37 17.09 18.40
N LEU A 527 7.90 16.84 19.63
CA LEU A 527 7.55 17.94 20.54
C LEU A 527 8.73 18.84 20.82
N TRP A 528 9.88 18.21 21.02
CA TRP A 528 11.10 18.90 21.39
C TRP A 528 11.58 19.72 20.19
N ALA A 529 11.39 19.15 19.00
CA ALA A 529 11.65 19.87 17.76
C ALA A 529 10.79 21.15 17.65
N PHE A 530 9.49 21.02 17.92
CA PHE A 530 8.58 22.18 17.95
C PHE A 530 9.06 23.21 18.96
N ARG A 531 9.61 22.72 20.06
CA ARG A 531 10.10 23.59 21.12
C ARG A 531 11.28 24.39 20.55
N ARG A 532 12.14 23.72 19.79
CA ARG A 532 13.30 24.40 19.23
C ARG A 532 12.92 25.47 18.20
N LYS A 533 11.89 25.22 17.38
CA LYS A 533 11.46 26.23 16.39
C LYS A 533 10.62 27.40 16.98
N ALA A 534 9.59 27.07 17.75
CA ALA A 534 8.59 28.06 18.18
C ALA A 534 8.88 28.63 19.56
N GLY A 535 9.75 27.96 20.30
CA GLY A 535 10.08 28.35 21.66
C GLY A 535 9.00 28.05 22.68
N ARG A 536 8.18 27.04 22.40
CA ARG A 536 7.11 26.66 23.33
C ARG A 536 6.57 25.26 22.99
N LEU A 537 5.67 24.77 23.83
CA LEU A 537 4.96 23.54 23.51
C LEU A 537 3.73 23.85 22.67
N PRO A 538 3.32 22.90 21.81
CA PRO A 538 2.14 23.09 20.97
C PRO A 538 0.85 23.04 21.75
N SER A 539 -0.10 23.86 21.37
CA SER A 539 -1.39 23.88 22.05
C SER A 539 -2.13 22.56 21.83
N ARG A 540 -1.96 22.00 20.63
CA ARG A 540 -2.62 20.77 20.23
C ARG A 540 -1.86 20.06 19.11
N VAL A 541 -1.77 18.73 19.19
CA VAL A 541 -1.13 17.95 18.13
C VAL A 541 -2.11 17.02 17.44
N LEU A 542 -1.83 16.76 16.17
CA LEU A 542 -2.61 15.82 15.38
C LEU A 542 -1.80 14.55 15.14
N LEU A 543 -2.31 13.44 15.67
CA LEU A 543 -1.60 12.18 15.63
C LEU A 543 -2.20 11.24 14.57
N LEU A 544 -1.42 10.92 13.55
CA LEU A 544 -1.87 10.10 12.45
C LEU A 544 -1.21 8.75 12.37
N ARG A 545 -2.00 7.69 12.49
CA ARG A 545 -1.42 6.36 12.34
C ARG A 545 -1.75 5.73 10.97
N ASP A 546 -0.75 5.25 10.25
CA ASP A 546 -1.04 4.54 9.00
C ASP A 546 -1.64 3.17 9.32
N GLY A 547 -2.79 2.90 8.75
CA GLY A 547 -3.51 1.68 8.99
C GLY A 547 -4.20 1.80 10.33
N ARG A 548 -4.71 0.70 10.87
CA ARG A 548 -5.48 0.78 12.09
C ARG A 548 -4.59 1.05 13.29
N VAL A 549 -5.16 1.67 14.33
CA VAL A 549 -4.46 1.83 15.60
C VAL A 549 -4.81 0.63 16.47
N PRO A 550 -3.81 -0.25 16.74
CA PRO A 550 -3.98 -1.42 17.59
C PRO A 550 -4.32 -1.00 19.02
N GLN A 551 -5.11 -1.82 19.73
CA GLN A 551 -5.60 -1.50 21.08
C GLN A 551 -4.58 -0.85 22.02
N ASP A 552 -4.90 0.38 22.46
CA ASP A 552 -4.14 1.10 23.49
C ASP A 552 -2.64 1.29 23.17
N GLU A 553 -2.31 1.17 21.90
CA GLU A 553 -0.96 1.39 21.39
C GLU A 553 -0.48 2.80 21.74
N PHE A 554 -1.42 3.74 21.82
CA PHE A 554 -1.04 5.13 22.07
C PHE A 554 -1.32 5.55 23.48
N ALA A 555 -1.88 4.64 24.27
CA ALA A 555 -2.36 4.96 25.61
C ALA A 555 -1.33 5.72 26.45
N LEU A 556 -0.10 5.22 26.45
CA LEU A 556 0.96 5.83 27.23
C LEU A 556 1.34 7.23 26.74
N ALA A 557 1.47 7.35 25.42
CA ALA A 557 1.81 8.60 24.77
C ALA A 557 0.71 9.62 25.04
N LEU A 558 -0.51 9.13 24.95
CA LEU A 558 -1.72 9.91 25.13
C LEU A 558 -1.77 10.48 26.56
N GLU A 559 -1.53 9.61 27.54
CA GLU A 559 -1.54 10.02 28.94
C GLU A 559 -0.45 11.04 29.22
N ALA A 560 0.75 10.78 28.71
CA ALA A 560 1.87 11.74 28.83
C ALA A 560 1.50 13.09 28.25
N LEU A 561 0.85 13.10 27.10
CA LEU A 561 0.39 14.37 26.51
C LEU A 561 -0.62 15.09 27.40
N ALA A 562 -1.55 14.33 27.99
CA ALA A 562 -2.54 14.93 28.87
C ALA A 562 -1.84 15.55 30.07
N ARG A 563 -0.73 14.93 30.46
CA ARG A 563 0.08 15.37 31.60
C ARG A 563 0.92 16.63 31.33
N GLU A 564 1.18 16.93 30.07
CA GLU A 564 1.94 18.13 29.73
C GLU A 564 1.01 19.30 29.47
N GLY A 565 -0.28 19.06 29.55
CA GLY A 565 -1.27 20.08 29.27
C GLY A 565 -1.42 20.36 27.78
N ILE A 566 -1.06 19.35 26.99
CA ILE A 566 -1.18 19.38 25.53
C ILE A 566 -2.43 18.62 25.08
N ALA A 567 -3.26 19.25 24.26
CA ALA A 567 -4.45 18.57 23.71
C ALA A 567 -4.06 17.77 22.46
N TYR A 568 -4.86 16.78 22.10
CA TYR A 568 -4.44 15.87 21.03
C TYR A 568 -5.59 15.32 20.20
N ASP A 569 -5.27 14.86 19.00
CA ASP A 569 -6.18 14.01 18.23
C ASP A 569 -5.53 12.78 17.58
N LEU A 570 -6.16 11.63 17.79
CA LEU A 570 -5.71 10.39 17.17
C LEU A 570 -6.56 9.92 16.02
N VAL A 571 -5.95 9.80 14.85
CA VAL A 571 -6.69 9.38 13.68
C VAL A 571 -6.07 8.14 13.02
N SER A 572 -6.87 7.08 12.96
CA SER A 572 -6.52 5.91 12.17
C SER A 572 -6.87 6.24 10.71
N VAL A 573 -5.87 6.24 9.83
CA VAL A 573 -6.11 6.53 8.42
C VAL A 573 -5.81 5.28 7.60
N ARG A 574 -6.89 4.69 7.12
CA ARG A 574 -6.86 3.42 6.42
C ARG A 574 -6.93 3.61 4.90
N LYS A 575 -5.89 3.13 4.21
CA LYS A 575 -5.74 3.27 2.76
C LYS A 575 -6.64 2.34 1.97
N SER A 576 -7.09 1.26 2.60
CA SER A 576 -8.00 0.37 1.92
C SER A 576 -9.12 0.06 2.86
N GLY A 577 -10.22 -0.45 2.32
CA GLY A 577 -11.37 -0.80 3.12
C GLY A 577 -12.35 0.34 3.15
N GLY A 578 -11.93 1.49 2.63
CA GLY A 578 -12.81 2.65 2.62
C GLY A 578 -13.79 2.66 1.46
N GLY A 579 -13.77 1.60 0.65
CA GLY A 579 -14.65 1.50 -0.52
C GLY A 579 -14.55 2.54 -1.63
N ARG A 580 -15.70 2.86 -2.25
CA ARG A 580 -15.75 3.77 -3.40
C ARG A 580 -16.88 4.82 -3.29
N VAL A 581 -16.65 6.00 -3.86
CA VAL A 581 -17.64 7.07 -3.83
C VAL A 581 -17.94 7.66 -5.21
N TYR A 582 -19.20 7.66 -5.62
CA TYR A 582 -19.51 8.20 -6.93
C TYR A 582 -20.55 9.31 -6.76
N PRO A 583 -20.36 10.45 -7.44
CA PRO A 583 -21.37 11.49 -7.30
C PRO A 583 -22.65 11.07 -8.00
N VAL A 584 -23.80 11.44 -7.43
CA VAL A 584 -25.10 11.18 -8.05
C VAL A 584 -25.33 11.93 -9.35
N GLN A 585 -24.89 13.18 -9.44
CA GLN A 585 -25.09 13.88 -10.69
C GLN A 585 -23.95 14.77 -11.20
N GLY A 586 -23.19 15.40 -10.34
CA GLY A 586 -22.07 16.21 -10.82
C GLY A 586 -20.82 15.60 -11.45
N ARG A 587 -19.74 16.37 -11.34
CA ARG A 587 -18.40 16.00 -11.77
C ARG A 587 -17.78 15.31 -10.55
N LEU A 588 -16.80 14.46 -10.76
CA LEU A 588 -16.05 13.97 -9.64
C LEU A 588 -15.00 15.00 -9.26
N ALA A 589 -15.09 15.53 -8.05
CA ALA A 589 -14.11 16.54 -7.68
C ALA A 589 -13.22 16.09 -6.55
N ASP A 590 -12.10 16.77 -6.43
CA ASP A 590 -11.11 16.48 -5.43
C ASP A 590 -11.61 17.03 -4.10
N GLY A 591 -11.09 16.53 -2.98
CA GLY A 591 -11.36 17.09 -1.65
C GLY A 591 -12.75 16.87 -1.08
N LEU A 592 -13.26 15.66 -1.20
CA LEU A 592 -14.61 15.36 -0.72
C LEU A 592 -14.61 14.73 0.67
N TYR A 593 -15.40 15.30 1.59
CA TYR A 593 -15.50 14.81 2.97
C TYR A 593 -16.83 14.09 3.19
N VAL A 594 -16.80 12.80 3.50
CA VAL A 594 -18.06 12.05 3.63
C VAL A 594 -18.24 11.39 5.01
N PRO A 595 -19.02 12.03 5.89
CA PRO A 595 -19.19 11.47 7.22
C PRO A 595 -20.05 10.20 7.19
N LEU A 596 -19.74 9.24 8.05
CA LEU A 596 -20.47 7.99 8.13
C LEU A 596 -21.07 7.84 9.50
N GLU A 597 -20.81 6.70 10.13
CA GLU A 597 -21.28 6.46 11.49
C GLU A 597 -20.65 7.50 12.45
N ASP A 598 -20.89 7.35 13.75
CA ASP A 598 -20.45 8.36 14.73
C ASP A 598 -18.97 8.85 14.75
N LYS A 599 -17.97 7.97 14.68
CA LYS A 599 -16.57 8.44 14.70
C LYS A 599 -15.73 8.22 13.43
N THR A 600 -16.31 7.63 12.40
CA THR A 600 -15.58 7.39 11.16
C THR A 600 -16.10 8.23 9.97
N PHE A 601 -15.25 8.48 8.99
CA PHE A 601 -15.65 9.22 7.80
C PHE A 601 -14.68 8.94 6.63
N LEU A 602 -15.11 9.21 5.41
CA LEU A 602 -14.26 9.07 4.23
C LEU A 602 -13.69 10.41 3.81
N LEU A 603 -12.55 10.38 3.13
CA LEU A 603 -11.94 11.59 2.62
C LEU A 603 -11.28 11.28 1.28
N LEU A 604 -11.87 11.79 0.20
CA LEU A 604 -11.27 11.70 -1.14
C LEU A 604 -10.33 12.90 -1.36
N THR A 605 -9.03 12.63 -1.34
CA THR A 605 -8.03 13.69 -1.31
C THR A 605 -7.37 14.02 -2.63
N VAL A 606 -7.16 13.01 -3.44
CA VAL A 606 -6.47 13.17 -4.70
C VAL A 606 -7.26 12.52 -5.82
N HIS A 607 -7.39 13.24 -6.94
CA HIS A 607 -8.00 12.70 -8.15
C HIS A 607 -7.70 13.48 -9.40
N ARG A 608 -7.43 12.77 -10.50
CA ARG A 608 -7.43 13.44 -11.78
C ARG A 608 -8.06 12.45 -12.77
N ASP A 609 -8.72 12.96 -13.80
CA ASP A 609 -9.45 12.11 -14.76
C ASP A 609 -8.67 11.10 -15.56
N PHE A 610 -7.41 11.35 -15.85
CA PHE A 610 -6.65 10.38 -16.62
C PHE A 610 -6.12 9.23 -15.78
N ARG A 611 -6.46 9.19 -14.49
CA ARG A 611 -6.08 8.07 -13.64
C ARG A 611 -7.05 6.94 -13.42
N GLY A 612 -8.33 7.23 -13.52
CA GLY A 612 -9.27 6.14 -13.35
C GLY A 612 -9.97 6.47 -12.05
N THR A 613 -10.82 5.57 -11.56
CA THR A 613 -11.58 5.81 -10.34
C THR A 613 -10.76 5.86 -9.05
N PRO A 614 -10.91 6.94 -8.25
CA PRO A 614 -10.24 7.13 -6.96
C PRO A 614 -10.59 6.12 -5.88
N ARG A 615 -9.72 6.03 -4.88
CA ARG A 615 -9.90 5.13 -3.74
C ARG A 615 -9.91 5.95 -2.46
N PRO A 616 -11.10 6.41 -2.06
CA PRO A 616 -11.21 7.22 -0.84
C PRO A 616 -10.57 6.57 0.37
N LEU A 617 -9.90 7.40 1.17
CA LEU A 617 -9.33 7.03 2.44
C LEU A 617 -10.44 6.87 3.46
N LYS A 618 -10.25 5.97 4.41
CA LYS A 618 -11.19 5.87 5.53
C LYS A 618 -10.55 6.22 6.85
N LEU A 619 -11.16 7.15 7.56
CA LEU A 619 -10.57 7.73 8.76
C LEU A 619 -11.42 7.52 9.97
N VAL A 620 -10.75 7.17 11.07
CA VAL A 620 -11.43 6.95 12.33
C VAL A 620 -10.83 7.82 13.40
N HIS A 621 -11.69 8.59 14.05
CA HIS A 621 -11.25 9.42 15.14
C HIS A 621 -11.22 8.54 16.41
N GLU A 622 -10.03 8.04 16.74
CA GLU A 622 -9.88 7.08 17.82
C GLU A 622 -9.91 7.76 19.19
N ALA A 623 -9.36 8.97 19.27
CA ALA A 623 -9.36 9.73 20.53
C ALA A 623 -9.17 11.21 20.27
N GLY A 624 -9.69 12.05 21.17
CA GLY A 624 -9.57 13.49 21.01
C GLY A 624 -10.91 14.15 20.78
N ASP A 625 -10.97 15.48 20.92
CA ASP A 625 -12.25 16.14 20.82
C ASP A 625 -12.40 17.25 19.77
N THR A 626 -11.45 17.38 18.85
CA THR A 626 -11.60 18.31 17.73
C THR A 626 -12.69 17.77 16.79
N PRO A 627 -13.60 18.64 16.30
CA PRO A 627 -14.65 18.26 15.35
C PRO A 627 -14.12 17.62 14.05
N LEU A 628 -14.86 16.65 13.53
CA LEU A 628 -14.47 15.94 12.33
C LEU A 628 -14.05 16.79 11.19
N GLU A 629 -14.98 17.60 10.74
CA GLU A 629 -14.85 18.50 9.63
C GLU A 629 -13.54 19.17 9.64
N ALA A 630 -13.17 19.66 10.78
CA ALA A 630 -11.87 20.32 10.89
C ALA A 630 -10.68 19.37 10.74
N LEU A 631 -10.82 18.17 11.29
CA LEU A 631 -9.80 17.15 11.11
C LEU A 631 -9.63 16.88 9.62
N ALA A 632 -10.75 16.60 8.97
CA ALA A 632 -10.73 16.29 7.56
C ALA A 632 -10.11 17.45 6.78
N HIS A 633 -10.52 18.67 7.10
CA HIS A 633 -9.97 19.88 6.50
C HIS A 633 -8.45 19.93 6.58
N GLN A 634 -7.91 19.78 7.79
CA GLN A 634 -6.46 19.82 7.96
C GLN A 634 -5.72 18.69 7.25
N ILE A 635 -6.24 17.47 7.31
CA ILE A 635 -5.60 16.35 6.63
C ILE A 635 -5.54 16.57 5.12
N PHE A 636 -6.67 16.97 4.56
CA PHE A 636 -6.77 17.29 3.14
C PHE A 636 -5.72 18.32 2.77
N HIS A 637 -5.66 19.41 3.53
CA HIS A 637 -4.67 20.44 3.21
C HIS A 637 -3.25 19.85 3.29
N LEU A 638 -2.98 19.05 4.31
CA LEU A 638 -1.68 18.42 4.45
C LEU A 638 -1.27 17.50 3.31
N THR A 639 -2.22 16.94 2.57
CA THR A 639 -1.81 16.13 1.43
C THR A 639 -1.02 16.96 0.42
N ARG A 640 -1.15 18.27 0.53
CA ARG A 640 -0.56 19.17 -0.45
C ARG A 640 0.83 19.68 -0.10
N LEU A 641 1.31 19.34 1.09
CA LEU A 641 2.58 19.85 1.56
C LEU A 641 3.81 19.18 1.01
N TYR A 642 3.61 18.01 0.41
CA TYR A 642 4.73 17.21 -0.01
C TYR A 642 5.50 17.94 -1.10
N PRO A 643 6.76 18.25 -0.79
CA PRO A 643 7.69 19.12 -1.53
C PRO A 643 8.42 18.38 -2.64
N ALA A 644 8.46 17.06 -2.60
CA ALA A 644 9.32 16.32 -3.53
C ALA A 644 8.54 15.86 -4.77
N SER A 645 7.21 16.03 -4.77
CA SER A 645 6.42 15.79 -5.98
C SER A 645 5.87 17.07 -6.59
N GLY A 646 6.48 17.50 -7.69
CA GLY A 646 6.20 18.77 -8.32
C GLY A 646 4.83 18.95 -8.96
N PHE A 647 4.24 17.85 -9.45
CA PHE A 647 3.08 17.98 -10.33
C PHE A 647 1.86 17.16 -9.91
N ALA A 648 2.00 16.38 -8.85
CA ALA A 648 0.90 15.56 -8.39
C ALA A 648 0.97 15.37 -6.91
N PHE A 649 -0.10 15.75 -6.22
CA PHE A 649 -0.13 15.58 -4.79
C PHE A 649 -0.30 14.13 -4.43
N PRO A 650 0.32 13.70 -3.32
CA PRO A 650 0.22 12.31 -2.87
C PRO A 650 -1.15 12.07 -2.29
N ARG A 651 -1.60 10.83 -2.27
CA ARG A 651 -2.90 10.54 -1.68
C ARG A 651 -2.84 10.75 -0.17
N LEU A 652 -1.72 10.32 0.41
CA LEU A 652 -1.52 10.45 1.84
C LEU A 652 -1.07 11.84 2.23
N PRO A 653 -1.49 12.27 3.41
CA PRO A 653 -1.06 13.55 3.97
C PRO A 653 0.45 13.55 4.19
N ALA A 654 1.06 14.72 4.13
CA ALA A 654 2.52 14.78 4.09
C ALA A 654 3.22 13.97 5.20
N PRO A 655 2.74 14.06 6.46
CA PRO A 655 3.48 13.32 7.50
C PRO A 655 3.52 11.80 7.30
N LEU A 656 2.41 11.24 6.84
CA LEU A 656 2.33 9.81 6.60
C LEU A 656 3.06 9.35 5.34
N HIS A 657 3.01 10.18 4.30
CA HIS A 657 3.73 9.85 3.08
C HIS A 657 5.22 9.81 3.38
N LEU A 658 5.67 10.79 4.16
CA LEU A 658 7.06 10.85 4.61
C LEU A 658 7.41 9.68 5.50
N ALA A 659 6.51 9.35 6.42
CA ALA A 659 6.80 8.27 7.33
C ALA A 659 6.97 6.94 6.60
N ASP A 660 6.01 6.64 5.71
CA ASP A 660 6.10 5.42 4.92
C ASP A 660 7.40 5.42 4.07
N ARG A 661 7.72 6.53 3.40
CA ARG A 661 8.95 6.55 2.62
C ARG A 661 10.22 6.39 3.51
N LEU A 662 10.16 6.94 4.72
CA LEU A 662 11.25 6.85 5.69
C LEU A 662 11.53 5.41 6.10
N VAL A 663 10.50 4.74 6.61
CA VAL A 663 10.67 3.35 7.04
C VAL A 663 11.02 2.45 5.86
N LYS A 664 10.54 2.78 4.66
CA LYS A 664 10.91 2.01 3.48
C LYS A 664 12.40 2.14 3.23
N GLU A 665 12.91 3.37 3.27
CA GLU A 665 14.35 3.55 3.05
C GLU A 665 15.23 2.96 4.14
N VAL A 666 14.82 3.08 5.40
CA VAL A 666 15.61 2.51 6.49
C VAL A 666 15.57 0.99 6.38
N GLY A 667 14.40 0.47 5.99
CA GLY A 667 14.24 -0.96 5.72
C GLY A 667 15.10 -1.44 4.57
N ARG A 668 15.43 -0.55 3.63
CA ARG A 668 16.30 -0.88 2.50
C ARG A 668 17.81 -0.80 2.80
N LEU A 669 18.25 0.30 3.39
CA LEU A 669 19.69 0.59 3.57
C LEU A 669 20.25 0.11 4.91
N GLY A 670 19.50 0.37 5.96
CA GLY A 670 19.94 0.08 7.29
C GLY A 670 19.83 1.34 8.09
N ILE A 671 19.89 1.19 9.41
CA ILE A 671 19.71 2.31 10.30
C ILE A 671 21.06 2.87 10.77
N ARG A 672 22.12 2.11 10.48
CA ARG A 672 23.47 2.39 10.97
C ARG A 672 24.21 3.57 10.32
N HIS A 673 23.65 4.09 9.23
CA HIS A 673 24.31 5.14 8.45
C HIS A 673 23.84 6.53 8.87
N LEU A 674 22.82 6.55 9.71
CA LEU A 674 22.06 7.75 9.93
C LEU A 674 22.61 8.51 11.11
N LYS A 675 23.65 7.96 11.73
CA LYS A 675 24.17 8.50 12.96
C LYS A 675 24.64 9.94 12.69
N GLU A 676 25.09 10.20 11.46
CA GLU A 676 25.62 11.53 11.13
C GLU A 676 24.71 12.41 10.23
N VAL A 677 23.45 12.01 10.04
CA VAL A 677 22.53 12.74 9.15
C VAL A 677 21.49 13.62 9.85
N ASP A 678 21.49 14.92 9.55
CA ASP A 678 20.57 15.89 10.16
C ASP A 678 19.10 15.56 9.91
N ARG A 679 18.26 15.75 10.94
CA ARG A 679 16.84 15.41 10.86
C ARG A 679 15.93 16.34 10.01
N GLU A 680 16.43 17.47 9.50
CA GLU A 680 15.61 18.27 8.58
C GLU A 680 15.82 17.81 7.11
N LYS A 681 16.85 17.01 6.88
CA LYS A 681 17.18 16.51 5.54
C LYS A 681 16.45 15.20 5.18
N LEU A 682 15.53 15.29 4.24
CA LEU A 682 14.69 14.17 3.85
C LEU A 682 15.39 13.21 2.89
N PHE A 683 16.33 12.40 3.40
CA PHE A 683 17.18 11.57 2.54
C PHE A 683 16.42 10.50 1.75
N PHE A 684 15.18 10.22 2.17
CA PHE A 684 14.41 9.09 1.64
C PHE A 684 13.46 9.34 0.45
N VAL A 685 13.28 10.58 0.02
CA VAL A 685 12.39 10.90 -1.10
C VAL A 685 12.94 10.57 -2.55
#